data_7Z06
#
_entry.id   7Z06
#
_cell.length_a   54.741
_cell.length_b   136.878
_cell.length_c   79.190
_cell.angle_alpha   90.00
_cell.angle_beta   98.55
_cell.angle_gamma   90.00
#
_symmetry.space_group_name_H-M   'P 1 21 1'
#
loop_
_entity.id
_entity.type
_entity.pdbx_description
1 polymer 'UPF0340 protein SAUSA300_2068'
2 non-polymer 'SULFATE ION'
3 water water
#
_entity_poly.entity_id   1
_entity_poly.type   'polypeptide(L)'
_entity_poly.pdbx_seq_one_letter_code
;MASWSHPQFEKGAVTSLYKKAGFKDLTMLLDELKDMSFFNKGDICLIGCSTSEVIGEKIGTVGSMEVAETIFNALDVVSK
ETGVTFAFQGCEHINRAITIEKSQYNPLTMEEVSVVPDVHAGGSLATYAFQHMKDPIVVEHITVPCGIDIGQTLIGMHIK
HVCVPVRTSVKQVGQAIVTIATSRPKKIGGERAKYQ
;
_entity_poly.pdbx_strand_id   A,B,C,D,E,F
#
# COMPACT_ATOMS: atom_id res chain seq x y z
N SER A 16 -12.15 -44.61 19.20
CA SER A 16 -13.35 -44.22 18.40
C SER A 16 -14.05 -42.97 18.95
N LEU A 17 -13.86 -42.67 20.24
CA LEU A 17 -14.28 -41.39 20.85
C LEU A 17 -13.91 -40.21 19.93
N TYR A 18 -12.60 -40.06 19.72
CA TYR A 18 -12.01 -38.90 19.02
C TYR A 18 -12.30 -38.98 17.52
N LYS A 19 -12.53 -40.19 16.98
CA LYS A 19 -12.88 -40.39 15.57
C LYS A 19 -14.31 -39.97 15.26
N LYS A 20 -15.19 -39.95 16.28
CA LYS A 20 -16.58 -39.53 16.12
C LYS A 20 -16.91 -38.10 16.55
N ALA A 21 -16.05 -37.53 17.42
CA ALA A 21 -16.38 -36.26 18.08
C ALA A 21 -16.60 -35.16 17.03
N GLY A 22 -17.74 -34.47 17.14
CA GLY A 22 -18.06 -33.35 16.29
C GLY A 22 -18.68 -33.68 14.95
N PHE A 23 -18.68 -34.97 14.56
CA PHE A 23 -19.02 -35.36 13.21
C PHE A 23 -20.46 -35.00 12.87
N LYS A 24 -21.38 -35.38 13.75
CA LYS A 24 -22.79 -35.15 13.50
C LYS A 24 -23.08 -33.66 13.43
N ASP A 25 -22.54 -32.87 14.38
CA ASP A 25 -22.79 -31.45 14.46
C ASP A 25 -22.22 -30.77 13.22
N LEU A 26 -20.98 -31.14 12.85
CA LEU A 26 -20.35 -30.53 11.69
C LEU A 26 -21.09 -30.83 10.39
N THR A 27 -21.48 -32.09 10.21
CA THR A 27 -22.25 -32.51 9.03
C THR A 27 -23.56 -31.71 8.92
N MET A 28 -24.27 -31.54 10.05
CA MET A 28 -25.51 -30.74 10.08
C MET A 28 -25.26 -29.26 9.75
N LEU A 29 -24.17 -28.70 10.27
CA LEU A 29 -23.79 -27.33 10.03
C LEU A 29 -23.49 -27.11 8.55
N LEU A 30 -22.74 -28.03 7.96
CA LEU A 30 -22.36 -27.92 6.55
C LEU A 30 -23.60 -28.06 5.63
N ASP A 31 -24.54 -28.96 5.97
CA ASP A 31 -25.79 -29.12 5.21
C ASP A 31 -26.65 -27.86 5.25
N GLU A 32 -26.71 -27.25 6.43
CA GLU A 32 -27.40 -25.99 6.63
C GLU A 32 -26.81 -24.89 5.75
N LEU A 33 -25.47 -24.76 5.81
CA LEU A 33 -24.78 -23.76 5.00
C LEU A 33 -24.96 -23.99 3.50
N LYS A 34 -24.90 -25.25 3.07
CA LYS A 34 -25.15 -25.60 1.66
C LYS A 34 -26.53 -25.08 1.25
N ASP A 35 -27.53 -25.37 2.07
CA ASP A 35 -28.91 -24.96 1.82
C ASP A 35 -29.14 -23.46 1.76
N MET A 36 -28.29 -22.67 2.42
CA MET A 36 -28.36 -21.23 2.30
C MET A 36 -27.38 -20.62 1.26
N SER A 37 -26.89 -21.46 0.35
CA SER A 37 -25.93 -21.06 -0.71
C SER A 37 -24.68 -20.36 -0.20
N PHE A 38 -24.19 -20.78 0.96
CA PHE A 38 -23.01 -20.19 1.53
C PHE A 38 -21.70 -20.53 0.75
N PHE A 39 -21.69 -21.70 0.10
CA PHE A 39 -20.53 -22.24 -0.57
C PHE A 39 -20.67 -22.08 -2.07
N ASN A 40 -19.82 -21.24 -2.66
CA ASN A 40 -19.91 -20.91 -4.10
C ASN A 40 -18.73 -21.46 -4.85
N LYS A 41 -18.99 -22.03 -6.05
CA LYS A 41 -17.94 -22.59 -6.87
C LYS A 41 -16.87 -21.55 -7.08
N GLY A 42 -15.61 -21.93 -6.85
CA GLY A 42 -14.47 -21.08 -7.06
C GLY A 42 -14.09 -20.16 -5.91
N ASP A 43 -14.93 -20.07 -4.86
CA ASP A 43 -14.59 -19.29 -3.68
C ASP A 43 -13.60 -20.08 -2.84
N ILE A 44 -12.81 -19.37 -2.03
CA ILE A 44 -12.06 -19.95 -0.92
C ILE A 44 -12.80 -19.63 0.39
N CYS A 45 -12.94 -20.65 1.24
CA CYS A 45 -13.49 -20.53 2.57
C CYS A 45 -12.41 -20.83 3.59
N LEU A 46 -12.15 -19.89 4.49
CA LEU A 46 -11.13 -20.02 5.52
C LEU A 46 -11.71 -20.75 6.73
N ILE A 47 -10.99 -21.76 7.18
CA ILE A 47 -11.31 -22.52 8.38
C ILE A 47 -10.33 -22.18 9.51
N GLY A 48 -10.90 -21.77 10.63
CA GLY A 48 -10.22 -21.57 11.89
C GLY A 48 -10.72 -22.70 12.79
N CYS A 49 -9.80 -23.47 13.38
CA CYS A 49 -10.20 -24.56 14.22
C CYS A 49 -9.29 -24.77 15.42
N SER A 50 -9.93 -25.16 16.53
CA SER A 50 -9.28 -25.65 17.74
C SER A 50 -9.94 -26.99 18.09
N THR A 51 -9.22 -28.09 17.84
CA THR A 51 -9.73 -29.42 18.07
C THR A 51 -9.96 -29.69 19.57
N SER A 52 -9.16 -29.05 20.41
CA SER A 52 -9.34 -29.21 21.85
C SER A 52 -10.68 -28.62 22.29
N GLU A 53 -11.12 -27.53 21.63
CA GLU A 53 -12.43 -26.96 21.96
C GLU A 53 -13.55 -27.93 21.60
N VAL A 54 -13.39 -28.67 20.50
CA VAL A 54 -14.41 -29.63 20.06
C VAL A 54 -14.65 -30.69 21.13
N ILE A 55 -13.56 -31.16 21.73
CA ILE A 55 -13.61 -32.16 22.79
C ILE A 55 -13.96 -31.54 24.14
N GLY A 56 -13.41 -30.34 24.40
CA GLY A 56 -13.71 -29.58 25.59
C GLY A 56 -12.70 -29.71 26.72
N GLU A 57 -11.49 -30.16 26.39
CA GLU A 57 -10.43 -30.27 27.36
C GLU A 57 -9.18 -30.46 26.53
N LYS A 58 -8.01 -30.34 27.16
CA LYS A 58 -6.74 -30.64 26.51
C LYS A 58 -6.74 -32.13 26.18
N ILE A 59 -6.31 -32.48 24.96
CA ILE A 59 -6.23 -33.86 24.49
C ILE A 59 -4.87 -34.00 23.88
N GLY A 60 -4.34 -35.23 23.81
CA GLY A 60 -3.05 -35.53 23.17
C GLY A 60 -3.09 -35.42 21.67
N THR A 61 -1.92 -35.62 21.03
CA THR A 61 -1.75 -35.44 19.59
C THR A 61 -2.48 -36.50 18.73
N VAL A 62 -2.54 -37.74 19.23
CA VAL A 62 -3.29 -38.79 18.56
C VAL A 62 -4.76 -38.39 18.41
N GLY A 63 -5.40 -38.04 19.54
CA GLY A 63 -6.81 -37.68 19.60
C GLY A 63 -7.11 -36.42 18.81
N SER A 64 -6.27 -35.40 18.98
CA SER A 64 -6.45 -34.13 18.30
C SER A 64 -6.32 -34.32 16.78
N MET A 65 -5.41 -35.20 16.35
CA MET A 65 -5.27 -35.48 14.92
C MET A 65 -6.45 -36.28 14.35
N GLU A 66 -7.06 -37.13 15.17
CA GLU A 66 -8.29 -37.82 14.79
C GLU A 66 -9.45 -36.85 14.58
N VAL A 67 -9.58 -35.86 15.47
CA VAL A 67 -10.60 -34.83 15.30
C VAL A 67 -10.32 -34.03 14.02
N ALA A 68 -9.06 -33.67 13.81
CA ALA A 68 -8.65 -32.94 12.61
C ALA A 68 -9.05 -33.70 11.36
N GLU A 69 -8.78 -35.00 11.34
CA GLU A 69 -9.13 -35.88 10.22
C GLU A 69 -10.62 -35.83 9.90
N THR A 70 -11.46 -35.95 10.94
N THR A 70 -11.46 -35.95 10.94
CA THR A 70 -12.90 -35.94 10.75
CA THR A 70 -12.91 -35.94 10.76
C THR A 70 -13.38 -34.61 10.15
C THR A 70 -13.38 -34.61 10.15
N ILE A 71 -12.83 -33.50 10.66
CA ILE A 71 -13.17 -32.16 10.16
C ILE A 71 -12.73 -32.00 8.74
N PHE A 72 -11.47 -32.35 8.47
CA PHE A 72 -10.91 -32.23 7.12
C PHE A 72 -11.75 -33.01 6.11
N ASN A 73 -12.12 -34.24 6.46
CA ASN A 73 -12.87 -35.12 5.57
C ASN A 73 -14.29 -34.63 5.30
N ALA A 74 -14.96 -34.09 6.34
CA ALA A 74 -16.28 -33.50 6.17
C ALA A 74 -16.24 -32.28 5.23
N LEU A 75 -15.22 -31.45 5.40
CA LEU A 75 -15.03 -30.26 4.56
C LEU A 75 -14.76 -30.69 3.14
N ASP A 76 -13.99 -31.77 2.97
CA ASP A 76 -13.67 -32.26 1.64
C ASP A 76 -14.90 -32.72 0.87
N VAL A 77 -15.86 -33.35 1.56
CA VAL A 77 -17.13 -33.73 0.92
C VAL A 77 -17.83 -32.50 0.36
N VAL A 78 -17.88 -31.43 1.15
CA VAL A 78 -18.53 -30.17 0.75
C VAL A 78 -17.82 -29.57 -0.48
N SER A 79 -16.49 -29.65 -0.45
CA SER A 79 -15.65 -29.14 -1.51
C SER A 79 -16.01 -29.79 -2.85
N LYS A 80 -16.16 -31.11 -2.84
CA LYS A 80 -16.50 -31.87 -4.06
C LYS A 80 -17.91 -31.61 -4.55
N GLU A 81 -18.82 -31.33 -3.62
CA GLU A 81 -20.22 -31.08 -3.94
C GLU A 81 -20.47 -29.66 -4.46
N THR A 82 -19.74 -28.68 -3.92
CA THR A 82 -19.99 -27.27 -4.20
C THR A 82 -18.93 -26.55 -5.06
N GLY A 83 -17.73 -27.14 -5.15
CA GLY A 83 -16.61 -26.55 -5.84
C GLY A 83 -15.92 -25.41 -5.09
N VAL A 84 -16.25 -25.24 -3.80
CA VAL A 84 -15.55 -24.32 -2.93
C VAL A 84 -14.23 -25.04 -2.54
N THR A 85 -13.19 -24.26 -2.19
CA THR A 85 -11.97 -24.82 -1.66
C THR A 85 -11.77 -24.21 -0.29
N PHE A 86 -11.01 -24.92 0.54
CA PHE A 86 -10.76 -24.52 1.92
C PHE A 86 -9.31 -24.12 2.14
N ALA A 87 -9.12 -23.12 2.99
CA ALA A 87 -7.84 -22.63 3.45
C ALA A 87 -7.84 -22.79 4.95
N PHE A 88 -6.70 -23.16 5.52
CA PHE A 88 -6.61 -23.52 6.93
C PHE A 88 -5.71 -22.60 7.69
N GLN A 89 -6.28 -21.81 8.60
CA GLN A 89 -5.52 -20.93 9.46
C GLN A 89 -4.71 -21.72 10.49
N GLY A 90 -3.42 -21.35 10.63
CA GLY A 90 -2.60 -21.93 11.67
C GLY A 90 -2.73 -21.11 12.93
N CYS A 91 -2.17 -21.63 14.02
CA CYS A 91 -2.25 -20.93 15.30
C CYS A 91 -1.31 -19.74 15.35
N GLU A 92 -1.37 -19.01 16.47
CA GLU A 92 -0.62 -17.77 16.64
C GLU A 92 0.90 -18.02 16.69
N HIS A 93 1.34 -19.23 17.09
CA HIS A 93 2.77 -19.54 17.13
C HIS A 93 3.45 -19.42 15.71
N ILE A 94 2.68 -19.69 14.67
CA ILE A 94 3.06 -19.45 13.30
C ILE A 94 2.31 -18.25 12.70
N ASN A 95 2.03 -17.25 13.55
CA ASN A 95 1.45 -15.98 13.13
C ASN A 95 0.16 -16.03 12.32
N ARG A 96 -0.66 -17.06 12.58
CA ARG A 96 -1.92 -17.32 11.84
C ARG A 96 -1.65 -17.47 10.34
N ALA A 97 -0.46 -17.95 9.95
CA ALA A 97 -0.20 -18.17 8.52
C ALA A 97 -1.19 -19.24 8.03
N ILE A 98 -1.48 -19.20 6.74
CA ILE A 98 -2.59 -19.94 6.17
C ILE A 98 -2.10 -20.99 5.20
N THR A 99 -2.56 -22.22 5.39
CA THR A 99 -2.24 -23.32 4.51
C THR A 99 -3.32 -23.48 3.43
N ILE A 100 -2.88 -23.49 2.16
CA ILE A 100 -3.74 -23.64 1.00
C ILE A 100 -3.08 -24.53 -0.05
N GLU A 101 -3.89 -25.05 -0.98
CA GLU A 101 -3.38 -25.76 -2.13
C GLU A 101 -2.66 -24.75 -3.05
N LYS A 102 -1.54 -25.15 -3.62
CA LYS A 102 -0.79 -24.28 -4.52
C LYS A 102 -1.63 -23.79 -5.71
N SER A 103 -2.50 -24.65 -6.22
CA SER A 103 -3.46 -24.25 -7.26
C SER A 103 -4.29 -23.01 -6.90
N GLN A 104 -4.43 -22.69 -5.61
CA GLN A 104 -5.14 -21.50 -5.13
C GLN A 104 -4.22 -20.31 -4.77
N TYR A 105 -2.91 -20.50 -4.85
CA TYR A 105 -1.90 -19.45 -4.59
C TYR A 105 -1.99 -18.40 -5.70
N ASN A 106 -2.14 -17.14 -5.34
CA ASN A 106 -2.05 -16.04 -6.27
C ASN A 106 -0.93 -15.13 -5.79
N PRO A 107 0.24 -15.15 -6.47
CA PRO A 107 1.39 -14.34 -6.07
C PRO A 107 1.09 -12.84 -6.04
N LEU A 108 0.09 -12.38 -6.80
CA LEU A 108 -0.29 -10.99 -6.84
C LEU A 108 -0.89 -10.51 -5.56
N THR A 109 -1.58 -11.41 -4.85
CA THR A 109 -2.32 -11.03 -3.67
C THR A 109 -1.83 -11.73 -2.41
N MET A 110 -0.93 -12.69 -2.54
CA MET A 110 -0.52 -13.55 -1.41
C MET A 110 1.01 -13.66 -1.41
N GLU A 111 1.59 -13.92 -0.24
CA GLU A 111 3.03 -14.06 -0.09
C GLU A 111 3.35 -15.37 0.59
N GLU A 112 3.98 -16.30 -0.15
CA GLU A 112 4.44 -17.56 0.40
C GLU A 112 5.45 -17.29 1.54
N VAL A 113 5.31 -18.08 2.61
CA VAL A 113 6.25 -18.09 3.71
C VAL A 113 6.71 -19.52 3.97
N SER A 114 7.88 -19.66 4.60
CA SER A 114 8.44 -20.96 4.89
C SER A 114 8.16 -21.35 6.33
N VAL A 115 7.33 -22.36 6.47
CA VAL A 115 7.03 -23.04 7.74
C VAL A 115 6.24 -24.27 7.34
N VAL A 116 6.36 -25.35 8.14
CA VAL A 116 5.58 -26.55 7.95
C VAL A 116 4.74 -26.73 9.22
N PRO A 117 3.41 -26.57 9.12
CA PRO A 117 2.53 -26.68 10.29
C PRO A 117 2.78 -27.99 11.04
N ASP A 118 2.87 -27.89 12.37
CA ASP A 118 3.04 -29.02 13.28
C ASP A 118 1.94 -28.93 14.34
N VAL A 119 1.61 -30.04 15.00
CA VAL A 119 0.59 -30.05 16.03
C VAL A 119 0.84 -28.98 17.09
N HIS A 120 2.10 -28.84 17.52
CA HIS A 120 2.45 -27.87 18.57
C HIS A 120 2.95 -26.52 18.01
N ALA A 121 2.79 -26.30 16.70
CA ALA A 121 3.23 -25.07 16.05
C ALA A 121 2.49 -24.98 14.75
N GLY A 122 1.20 -24.62 14.86
CA GLY A 122 0.29 -24.63 13.75
C GLY A 122 -1.09 -25.16 14.10
N GLY A 123 -1.12 -26.21 14.90
CA GLY A 123 -2.36 -26.84 15.34
C GLY A 123 -2.72 -28.02 14.50
N SER A 124 -3.60 -28.85 15.04
CA SER A 124 -3.90 -30.15 14.45
C SER A 124 -4.51 -30.07 13.06
N LEU A 125 -5.46 -29.17 12.85
CA LEU A 125 -6.15 -29.17 11.58
C LEU A 125 -5.23 -28.66 10.46
N ALA A 126 -4.48 -27.57 10.72
CA ALA A 126 -3.56 -27.05 9.71
C ALA A 126 -2.49 -28.09 9.38
N THR A 127 -2.05 -28.81 10.40
CA THR A 127 -1.04 -29.87 10.24
C THR A 127 -1.60 -30.99 9.37
N TYR A 128 -2.82 -31.42 9.68
CA TYR A 128 -3.49 -32.51 8.93
C TYR A 128 -3.70 -32.07 7.48
N ALA A 129 -4.19 -30.85 7.28
CA ALA A 129 -4.46 -30.33 5.96
C ALA A 129 -3.16 -30.29 5.13
N PHE A 130 -2.09 -29.75 5.72
CA PHE A 130 -0.78 -29.69 5.05
C PHE A 130 -0.35 -31.08 4.58
N GLN A 131 -0.49 -32.09 5.46
CA GLN A 131 -0.04 -33.44 5.15
C GLN A 131 -0.89 -34.15 4.10
N HIS A 132 -2.15 -33.72 3.91
CA HIS A 132 -3.07 -34.42 3.02
C HIS A 132 -3.45 -33.67 1.75
N MET A 133 -2.93 -32.45 1.59
CA MET A 133 -3.07 -31.71 0.34
C MET A 133 -2.16 -32.28 -0.72
N LYS A 134 -2.55 -32.11 -1.98
CA LYS A 134 -1.76 -32.55 -3.12
C LYS A 134 -0.44 -31.76 -3.19
N ASP A 135 -0.55 -30.43 -3.08
CA ASP A 135 0.61 -29.55 -3.18
C ASP A 135 0.45 -28.32 -2.30
N PRO A 136 0.66 -28.46 -0.96
CA PRO A 136 0.36 -27.39 -0.02
C PRO A 136 1.38 -26.25 -0.05
N ILE A 137 0.94 -25.03 0.21
CA ILE A 137 1.80 -23.86 0.39
C ILE A 137 1.23 -23.08 1.58
N VAL A 138 2.08 -22.35 2.29
CA VAL A 138 1.69 -21.53 3.40
C VAL A 138 1.89 -20.07 3.01
N VAL A 139 0.85 -19.25 3.23
CA VAL A 139 0.93 -17.82 2.94
C VAL A 139 0.75 -17.00 4.21
N GLU A 140 1.32 -15.80 4.22
CA GLU A 140 1.36 -14.94 5.40
C GLU A 140 0.01 -14.39 5.78
N HIS A 141 -0.77 -14.05 4.75
CA HIS A 141 -2.06 -13.38 4.89
C HIS A 141 -2.95 -13.85 3.76
N ILE A 142 -4.27 -13.71 3.94
CA ILE A 142 -5.18 -14.02 2.86
C ILE A 142 -6.46 -13.23 3.09
N THR A 143 -7.16 -12.97 2.00
CA THR A 143 -8.47 -12.34 2.04
C THR A 143 -9.38 -13.24 1.24
N VAL A 144 -10.46 -13.71 1.89
CA VAL A 144 -11.38 -14.66 1.32
C VAL A 144 -12.81 -14.20 1.60
N PRO A 145 -13.78 -14.66 0.80
CA PRO A 145 -15.15 -14.17 0.91
C PRO A 145 -15.94 -14.76 2.09
N CYS A 146 -15.47 -15.87 2.67
CA CYS A 146 -16.22 -16.50 3.74
C CYS A 146 -15.34 -17.39 4.58
N GLY A 147 -15.85 -17.77 5.76
CA GLY A 147 -15.09 -18.58 6.68
C GLY A 147 -15.92 -19.16 7.78
N ILE A 148 -15.34 -20.15 8.47
CA ILE A 148 -15.97 -20.86 9.59
C ILE A 148 -14.92 -20.95 10.68
N ASP A 149 -15.28 -20.45 11.87
CA ASP A 149 -14.44 -20.51 13.06
C ASP A 149 -15.04 -21.51 14.06
N ILE A 150 -14.29 -22.58 14.34
CA ILE A 150 -14.71 -23.62 15.33
C ILE A 150 -13.82 -23.45 16.55
N GLY A 151 -14.40 -22.93 17.62
CA GLY A 151 -13.73 -22.76 18.88
C GLY A 151 -13.10 -21.39 19.13
N GLN A 152 -13.65 -20.35 18.49
CA GLN A 152 -13.34 -18.97 18.86
C GLN A 152 -11.84 -18.61 18.67
N THR A 153 -11.24 -19.13 17.59
CA THR A 153 -9.84 -18.83 17.25
C THR A 153 -9.71 -17.44 16.65
N LEU A 154 -10.83 -16.91 16.14
CA LEU A 154 -10.98 -15.64 15.42
C LEU A 154 -10.53 -15.75 13.96
N ILE A 155 -11.39 -15.30 13.02
CA ILE A 155 -11.06 -15.40 11.61
C ILE A 155 -11.33 -14.10 10.81
N GLY A 156 -11.78 -13.05 11.50
CA GLY A 156 -12.29 -11.85 10.83
C GLY A 156 -11.24 -11.06 10.07
N MET A 157 -9.97 -11.21 10.49
CA MET A 157 -8.85 -10.61 9.79
C MET A 157 -8.69 -11.15 8.40
N HIS A 158 -9.28 -12.31 8.10
CA HIS A 158 -9.17 -12.94 6.79
C HIS A 158 -10.32 -12.73 5.83
N ILE A 159 -11.41 -12.13 6.30
CA ILE A 159 -12.64 -12.04 5.54
C ILE A 159 -12.65 -10.71 4.78
N LYS A 160 -12.99 -10.79 3.51
CA LYS A 160 -13.16 -9.62 2.62
C LYS A 160 -14.13 -8.62 3.28
N HIS A 161 -13.74 -7.36 3.30
CA HIS A 161 -14.62 -6.29 3.81
C HIS A 161 -15.80 -6.19 2.85
N VAL A 162 -17.06 -6.19 3.34
CA VAL A 162 -17.46 -6.10 4.72
C VAL A 162 -17.88 -7.50 5.20
N CYS A 163 -17.35 -7.89 6.36
CA CYS A 163 -17.59 -9.19 6.94
C CYS A 163 -18.99 -9.20 7.62
N VAL A 164 -19.79 -10.20 7.29
CA VAL A 164 -21.18 -10.35 7.80
C VAL A 164 -21.32 -11.70 8.47
N PRO A 165 -21.61 -11.76 9.79
CA PRO A 165 -21.90 -13.03 10.47
C PRO A 165 -23.12 -13.73 9.88
N VAL A 166 -23.10 -15.06 9.82
CA VAL A 166 -24.20 -15.86 9.34
C VAL A 166 -24.78 -16.64 10.51
N ARG A 167 -26.07 -16.46 10.76
CA ARG A 167 -26.83 -17.14 11.84
C ARG A 167 -27.10 -18.60 11.41
N THR A 168 -26.80 -19.58 12.27
CA THR A 168 -27.13 -20.96 11.97
C THR A 168 -27.86 -21.56 13.16
N SER A 169 -28.65 -22.60 12.90
CA SER A 169 -29.35 -23.31 13.97
C SER A 169 -28.37 -24.21 14.73
N VAL A 170 -27.32 -24.68 14.06
CA VAL A 170 -26.20 -25.38 14.72
C VAL A 170 -25.22 -24.38 15.34
N LYS A 171 -25.13 -24.37 16.68
CA LYS A 171 -24.36 -23.35 17.41
C LYS A 171 -23.00 -23.86 17.88
N GLN A 172 -22.82 -25.19 17.88
CA GLN A 172 -21.62 -25.83 18.39
C GLN A 172 -21.27 -27.03 17.55
N VAL A 173 -19.96 -27.33 17.50
CA VAL A 173 -19.46 -28.57 16.96
C VAL A 173 -18.77 -29.24 18.12
N GLY A 174 -19.37 -30.33 18.62
CA GLY A 174 -19.01 -30.89 19.92
C GLY A 174 -19.23 -29.80 20.96
N GLN A 175 -18.18 -29.48 21.72
CA GLN A 175 -18.23 -28.43 22.73
C GLN A 175 -17.73 -27.06 22.23
N ALA A 176 -17.39 -26.95 20.94
CA ALA A 176 -16.78 -25.73 20.39
C ALA A 176 -17.80 -24.81 19.79
N ILE A 177 -17.81 -23.55 20.26
CA ILE A 177 -18.70 -22.53 19.72
C ILE A 177 -18.29 -22.31 18.27
N VAL A 178 -19.28 -22.24 17.38
CA VAL A 178 -18.98 -22.04 15.97
C VAL A 178 -19.52 -20.68 15.53
N THR A 179 -18.67 -19.95 14.78
CA THR A 179 -19.00 -18.65 14.17
C THR A 179 -18.81 -18.76 12.67
N ILE A 180 -19.74 -18.22 11.88
CA ILE A 180 -19.69 -18.33 10.43
C ILE A 180 -19.73 -16.88 9.88
N ALA A 181 -18.89 -16.60 8.90
CA ALA A 181 -18.84 -15.28 8.26
C ALA A 181 -18.90 -15.39 6.77
N THR A 182 -19.68 -14.48 6.16
CA THR A 182 -19.67 -14.25 4.74
C THR A 182 -19.25 -12.80 4.53
N SER A 183 -19.36 -12.32 3.31
CA SER A 183 -18.93 -10.96 2.98
C SER A 183 -19.83 -10.37 1.93
N ARG A 184 -19.84 -9.04 1.88
CA ARG A 184 -20.65 -8.27 0.91
C ARG A 184 -20.00 -6.90 0.71
N PRO A 185 -20.29 -6.22 -0.40
CA PRO A 185 -19.66 -4.92 -0.65
C PRO A 185 -20.07 -3.85 0.37
N LYS A 186 -19.20 -2.86 0.58
CA LYS A 186 -19.57 -1.65 1.31
C LYS A 186 -20.78 -1.00 0.67
N LYS A 187 -21.74 -0.57 1.49
CA LYS A 187 -22.84 0.27 1.03
C LYS A 187 -22.39 1.72 1.08
N ILE A 188 -22.59 2.45 -0.03
CA ILE A 188 -22.12 3.81 -0.07
C ILE A 188 -23.23 4.74 -0.55
N GLY A 189 -23.06 6.03 -0.27
CA GLY A 189 -23.94 7.07 -0.76
C GLY A 189 -24.64 7.73 0.41
N GLY A 190 -25.12 8.95 0.15
CA GLY A 190 -25.89 9.73 1.09
C GLY A 190 -27.34 9.35 1.24
N GLU A 191 -28.08 10.21 1.92
CA GLU A 191 -29.47 9.94 2.28
C GLU A 191 -30.42 9.72 1.08
N ARG A 192 -30.06 10.24 -0.10
CA ARG A 192 -30.90 10.13 -1.32
C ARG A 192 -30.54 8.88 -2.14
N ALA A 193 -29.45 8.19 -1.78
CA ALA A 193 -28.99 7.04 -2.55
C ALA A 193 -29.98 5.89 -2.52
N LYS A 194 -30.00 5.13 -3.62
CA LYS A 194 -30.83 3.96 -3.82
C LYS A 194 -30.01 2.72 -3.86
N TYR A 195 -30.59 1.58 -3.45
CA TYR A 195 -29.89 0.27 -3.34
C TYR A 195 -30.66 -0.81 -4.13
N GLN A 196 -31.75 -0.43 -4.79
CA GLN A 196 -32.52 -1.29 -5.70
C GLN A 196 -32.81 -0.54 -7.01
N TYR B 18 -27.48 -5.03 39.97
CA TYR B 18 -28.71 -5.84 39.92
C TYR B 18 -29.78 -5.15 39.07
N LYS B 19 -29.71 -3.82 38.93
CA LYS B 19 -30.65 -3.02 38.15
C LYS B 19 -30.48 -3.23 36.64
N LYS B 20 -29.27 -3.61 36.21
CA LYS B 20 -28.97 -3.61 34.78
C LYS B 20 -28.52 -4.96 34.28
N ALA B 21 -29.16 -5.41 33.20
CA ALA B 21 -28.76 -6.63 32.48
C ALA B 21 -27.28 -6.56 32.08
N GLY B 22 -26.52 -7.59 32.45
CA GLY B 22 -25.12 -7.74 32.06
C GLY B 22 -24.14 -7.02 32.98
N PHE B 23 -24.64 -6.22 33.92
CA PHE B 23 -23.77 -5.34 34.67
C PHE B 23 -22.80 -6.10 35.56
N LYS B 24 -23.31 -7.08 36.30
CA LYS B 24 -22.45 -7.89 37.17
C LYS B 24 -21.38 -8.65 36.36
N ASP B 25 -21.79 -9.27 35.25
CA ASP B 25 -20.86 -10.04 34.41
C ASP B 25 -19.80 -9.10 33.83
N LEU B 26 -20.25 -7.95 33.32
CA LEU B 26 -19.33 -6.97 32.74
C LEU B 26 -18.33 -6.43 33.75
N THR B 27 -18.80 -6.08 34.97
CA THR B 27 -17.95 -5.60 36.03
C THR B 27 -16.86 -6.63 36.36
N MET B 28 -17.26 -7.90 36.47
CA MET B 28 -16.32 -8.98 36.75
C MET B 28 -15.28 -9.17 35.63
N LEU B 29 -15.75 -9.09 34.37
CA LEU B 29 -14.90 -9.22 33.22
C LEU B 29 -13.86 -8.09 33.17
N LEU B 30 -14.31 -6.86 33.42
CA LEU B 30 -13.42 -5.70 33.39
C LEU B 30 -12.38 -5.77 34.51
N ASP B 31 -12.79 -6.22 35.70
CA ASP B 31 -11.86 -6.36 36.84
C ASP B 31 -10.79 -7.41 36.55
N GLU B 32 -11.20 -8.51 35.93
CA GLU B 32 -10.30 -9.55 35.48
C GLU B 32 -9.27 -9.03 34.49
N LEU B 33 -9.76 -8.33 33.47
CA LEU B 33 -8.89 -7.74 32.45
C LEU B 33 -7.90 -6.74 33.05
N LYS B 34 -8.38 -5.87 33.95
CA LYS B 34 -7.51 -4.93 34.66
C LYS B 34 -6.38 -5.68 35.37
N ASP B 35 -6.73 -6.73 36.09
CA ASP B 35 -5.78 -7.57 36.82
C ASP B 35 -4.74 -8.26 35.96
N MET B 36 -5.06 -8.53 34.69
CA MET B 36 -4.08 -9.09 33.78
C MET B 36 -3.38 -8.06 32.90
N SER B 37 -3.45 -6.78 33.30
CA SER B 37 -2.85 -5.64 32.56
C SER B 37 -3.25 -5.57 31.09
N PHE B 38 -4.51 -5.90 30.81
CA PHE B 38 -5.02 -5.86 29.45
C PHE B 38 -5.19 -4.43 28.92
N PHE B 39 -5.44 -3.48 29.82
CA PHE B 39 -5.72 -2.08 29.47
C PHE B 39 -4.50 -1.21 29.70
N ASN B 40 -3.90 -0.70 28.63
CA ASN B 40 -2.63 0.04 28.74
C ASN B 40 -2.82 1.49 28.38
N LYS B 41 -2.16 2.37 29.14
CA LYS B 41 -2.21 3.80 28.92
C LYS B 41 -1.83 4.07 27.45
N GLY B 42 -2.68 4.85 26.79
CA GLY B 42 -2.43 5.27 25.42
C GLY B 42 -2.93 4.34 24.33
N ASP B 43 -3.30 3.10 24.67
CA ASP B 43 -3.80 2.15 23.68
C ASP B 43 -5.25 2.52 23.36
N ILE B 44 -5.70 2.14 22.16
CA ILE B 44 -7.13 2.09 21.82
C ILE B 44 -7.60 0.63 21.90
N CYS B 45 -8.76 0.42 22.53
CA CYS B 45 -9.42 -0.87 22.59
C CYS B 45 -10.74 -0.80 21.83
N LEU B 46 -10.92 -1.68 20.85
CA LEU B 46 -12.10 -1.73 20.02
C LEU B 46 -13.17 -2.58 20.69
N ILE B 47 -14.38 -2.03 20.77
CA ILE B 47 -15.55 -2.72 21.29
C ILE B 47 -16.51 -3.08 20.15
N GLY B 48 -16.82 -4.37 20.08
CA GLY B 48 -17.82 -4.93 19.20
C GLY B 48 -18.94 -5.36 20.11
N CYS B 49 -20.16 -4.92 19.81
CA CYS B 49 -21.27 -5.28 20.68
C CYS B 49 -22.56 -5.52 19.94
N SER B 50 -23.29 -6.53 20.43
CA SER B 50 -24.68 -6.80 20.08
C SER B 50 -25.42 -6.91 21.43
N THR B 51 -26.15 -5.84 21.75
CA THR B 51 -26.90 -5.72 22.99
C THR B 51 -28.06 -6.70 22.99
N SER B 52 -28.59 -7.06 21.82
CA SER B 52 -29.65 -8.05 21.76
C SER B 52 -29.14 -9.40 22.23
N GLU B 53 -27.87 -9.73 21.96
CA GLU B 53 -27.30 -10.98 22.45
C GLU B 53 -27.22 -10.98 23.99
N VAL B 54 -26.92 -9.82 24.59
CA VAL B 54 -26.82 -9.70 26.04
C VAL B 54 -28.14 -10.08 26.71
N ILE B 55 -29.23 -9.61 26.12
CA ILE B 55 -30.58 -9.90 26.62
C ILE B 55 -31.07 -11.25 26.16
N GLY B 56 -30.72 -11.64 24.94
CA GLY B 56 -31.11 -12.93 24.38
C GLY B 56 -32.21 -12.77 23.34
N GLU B 57 -32.24 -11.56 22.75
CA GLU B 57 -32.96 -11.09 21.52
C GLU B 57 -33.93 -9.95 21.86
N GLY B 60 -34.94 -4.70 20.42
CA GLY B 60 -35.94 -3.77 20.96
C GLY B 60 -35.21 -2.58 21.57
N THR B 61 -35.54 -1.36 21.13
CA THR B 61 -34.64 -0.21 21.25
C THR B 61 -34.49 0.30 22.68
N VAL B 62 -35.56 0.27 23.47
CA VAL B 62 -35.46 0.73 24.85
C VAL B 62 -34.43 -0.14 25.62
N GLY B 63 -34.62 -1.47 25.56
CA GLY B 63 -33.82 -2.43 26.29
C GLY B 63 -32.38 -2.41 25.79
N SER B 64 -32.23 -2.41 24.46
CA SER B 64 -30.94 -2.42 23.85
C SER B 64 -30.15 -1.14 24.21
N MET B 65 -30.83 0.01 24.24
CA MET B 65 -30.16 1.26 24.60
C MET B 65 -29.77 1.31 26.08
N GLU B 66 -30.55 0.65 26.95
CA GLU B 66 -30.18 0.51 28.36
C GLU B 66 -28.87 -0.29 28.53
N VAL B 67 -28.75 -1.40 27.79
CA VAL B 67 -27.53 -2.17 27.82
C VAL B 67 -26.36 -1.36 27.28
N ALA B 68 -26.59 -0.63 26.17
CA ALA B 68 -25.55 0.20 25.58
C ALA B 68 -25.03 1.21 26.60
N GLU B 69 -25.95 1.86 27.32
CA GLU B 69 -25.62 2.83 28.33
C GLU B 69 -24.71 2.25 29.42
N THR B 70 -25.09 1.06 29.92
CA THR B 70 -24.34 0.42 30.99
C THR B 70 -22.92 0.10 30.54
N ILE B 71 -22.77 -0.42 29.31
CA ILE B 71 -21.48 -0.78 28.77
C ILE B 71 -20.63 0.47 28.56
N PHE B 72 -21.21 1.50 27.92
CA PHE B 72 -20.48 2.71 27.67
C PHE B 72 -19.94 3.32 28.98
N ASN B 73 -20.80 3.37 30.00
CA ASN B 73 -20.46 4.00 31.26
C ASN B 73 -19.40 3.23 32.04
N ALA B 74 -19.49 1.90 32.01
CA ALA B 74 -18.48 1.03 32.67
C ALA B 74 -17.12 1.19 31.99
N LEU B 75 -17.11 1.28 30.66
CA LEU B 75 -15.88 1.42 29.89
C LEU B 75 -15.27 2.76 30.16
N ASP B 76 -16.11 3.79 30.34
CA ASP B 76 -15.58 5.11 30.62
C ASP B 76 -14.82 5.15 31.97
N VAL B 77 -15.32 4.42 32.98
CA VAL B 77 -14.65 4.34 34.26
C VAL B 77 -13.26 3.72 34.07
N VAL B 78 -13.17 2.65 33.28
CA VAL B 78 -11.91 1.94 32.99
C VAL B 78 -10.94 2.87 32.31
N SER B 79 -11.46 3.67 31.38
CA SER B 79 -10.67 4.64 30.65
C SER B 79 -9.97 5.63 31.59
N LYS B 80 -10.70 6.14 32.58
CA LYS B 80 -10.18 7.10 33.55
C LYS B 80 -9.18 6.48 34.50
N GLU B 81 -9.35 5.19 34.80
CA GLU B 81 -8.48 4.44 35.72
C GLU B 81 -7.17 4.01 35.05
N THR B 82 -7.24 3.63 33.77
CA THR B 82 -6.11 3.02 33.05
C THR B 82 -5.46 3.86 31.96
N GLY B 83 -6.16 4.89 31.48
CA GLY B 83 -5.73 5.71 30.36
C GLY B 83 -5.87 5.07 29.00
N VAL B 84 -6.57 3.93 28.91
CA VAL B 84 -6.95 3.33 27.64
C VAL B 84 -8.13 4.16 27.09
N THR B 85 -8.30 4.18 25.78
CA THR B 85 -9.47 4.79 25.16
C THR B 85 -10.15 3.74 24.32
N PHE B 86 -11.44 3.93 24.05
CA PHE B 86 -12.30 2.96 23.40
C PHE B 86 -12.78 3.46 22.07
N ALA B 87 -12.93 2.53 21.12
CA ALA B 87 -13.49 2.76 19.78
C ALA B 87 -14.62 1.80 19.64
N PHE B 88 -15.71 2.24 19.00
CA PHE B 88 -16.94 1.45 18.92
C PHE B 88 -17.28 1.06 17.51
N GLN B 89 -17.24 -0.24 17.25
CA GLN B 89 -17.55 -0.77 15.91
C GLN B 89 -19.05 -0.66 15.62
N GLY B 90 -19.40 -0.25 14.40
CA GLY B 90 -20.82 -0.20 14.02
C GLY B 90 -21.21 -1.48 13.32
N CYS B 91 -22.51 -1.66 13.05
CA CYS B 91 -22.99 -2.90 12.39
C CYS B 91 -22.65 -2.89 10.90
N GLU B 92 -22.98 -3.96 10.20
CA GLU B 92 -22.63 -4.09 8.75
C GLU B 92 -23.40 -3.09 7.88
N HIS B 93 -24.54 -2.57 8.35
CA HIS B 93 -25.31 -1.58 7.57
C HIS B 93 -24.46 -0.31 7.36
N ILE B 94 -23.57 -0.01 8.32
CA ILE B 94 -22.63 1.13 8.15
C ILE B 94 -21.22 0.57 7.89
N ASN B 95 -21.14 -0.62 7.29
CA ASN B 95 -19.83 -1.19 6.86
C ASN B 95 -18.85 -1.36 8.04
N ARG B 96 -19.35 -1.61 9.25
CA ARG B 96 -18.48 -1.80 10.42
C ARG B 96 -17.62 -0.56 10.63
N ALA B 97 -18.12 0.61 10.20
CA ALA B 97 -17.37 1.87 10.41
C ALA B 97 -17.17 2.06 11.91
N ILE B 98 -16.11 2.76 12.30
CA ILE B 98 -15.79 2.84 13.76
C ILE B 98 -15.98 4.24 14.32
N THR B 99 -16.71 4.34 15.43
CA THR B 99 -16.87 5.60 16.14
C THR B 99 -15.80 5.81 17.20
N ILE B 100 -15.11 6.96 17.12
CA ILE B 100 -14.07 7.37 18.06
C ILE B 100 -14.16 8.85 18.40
N GLU B 101 -13.52 9.27 19.48
CA GLU B 101 -13.37 10.69 19.77
C GLU B 101 -12.40 11.30 18.73
N LYS B 102 -12.69 12.52 18.31
CA LYS B 102 -11.81 13.22 17.37
C LYS B 102 -10.36 13.32 17.86
N SER B 103 -10.18 13.52 19.16
CA SER B 103 -8.84 13.54 19.75
C SER B 103 -8.03 12.26 19.47
N GLN B 104 -8.69 11.16 19.12
CA GLN B 104 -8.03 9.89 18.74
C GLN B 104 -7.89 9.66 17.21
N TYR B 105 -8.46 10.57 16.42
CA TYR B 105 -8.37 10.50 14.94
C TYR B 105 -6.91 10.77 14.53
N ASN B 106 -6.34 9.86 13.73
CA ASN B 106 -5.04 10.06 13.15
C ASN B 106 -5.21 9.99 11.64
N PRO B 107 -5.14 11.15 10.94
CA PRO B 107 -5.34 11.21 9.49
C PRO B 107 -4.32 10.34 8.72
N LEU B 108 -3.15 10.06 9.32
CA LEU B 108 -2.14 9.26 8.67
C LEU B 108 -2.56 7.81 8.54
N THR B 109 -3.37 7.33 9.49
CA THR B 109 -3.73 5.94 9.51
C THR B 109 -5.21 5.67 9.36
N MET B 110 -6.01 6.72 9.37
CA MET B 110 -7.49 6.57 9.44
C MET B 110 -8.09 7.52 8.40
N GLU B 111 -9.33 7.23 8.00
CA GLU B 111 -10.06 7.99 7.03
C GLU B 111 -11.46 8.27 7.56
N GLU B 112 -11.74 9.55 7.83
CA GLU B 112 -13.05 9.96 8.29
C GLU B 112 -14.09 9.66 7.19
N VAL B 113 -15.26 9.16 7.60
CA VAL B 113 -16.41 8.98 6.71
C VAL B 113 -17.63 9.66 7.33
N SER B 114 -18.59 10.00 6.46
CA SER B 114 -19.78 10.75 6.91
C SER B 114 -20.95 9.80 7.17
N VAL B 115 -21.34 9.67 8.43
CA VAL B 115 -22.51 8.84 8.81
C VAL B 115 -22.77 9.11 10.30
N VAL B 116 -24.04 9.14 10.70
CA VAL B 116 -24.37 9.31 12.15
C VAL B 116 -24.99 7.99 12.63
N PRO B 117 -24.27 7.19 13.44
CA PRO B 117 -24.78 5.89 13.86
C PRO B 117 -26.20 5.99 14.45
N ASP B 118 -27.07 5.06 14.07
CA ASP B 118 -28.46 5.03 14.60
C ASP B 118 -28.74 3.61 15.09
N VAL B 119 -29.74 3.44 15.95
CA VAL B 119 -30.00 2.12 16.52
C VAL B 119 -30.19 1.06 15.45
N HIS B 120 -30.87 1.41 14.35
CA HIS B 120 -31.14 0.43 13.28
C HIS B 120 -30.13 0.62 12.13
N ALA B 121 -29.18 1.53 12.30
CA ALA B 121 -28.13 1.77 11.28
C ALA B 121 -26.82 2.10 11.99
N GLY B 122 -26.21 1.10 12.62
CA GLY B 122 -24.97 1.32 13.39
C GLY B 122 -25.00 0.52 14.67
N GLY B 123 -26.17 0.36 15.27
CA GLY B 123 -26.30 -0.44 16.50
C GLY B 123 -26.46 0.40 17.73
N SER B 124 -26.93 -0.20 18.82
CA SER B 124 -27.19 0.56 20.02
C SER B 124 -25.95 1.17 20.64
N LEU B 125 -24.85 0.40 20.71
CA LEU B 125 -23.70 0.90 21.43
C LEU B 125 -23.01 2.00 20.65
N ALA B 126 -22.84 1.81 19.33
CA ALA B 126 -22.21 2.84 18.51
C ALA B 126 -23.04 4.12 18.55
N THR B 127 -24.37 3.96 18.54
CA THR B 127 -25.28 5.09 18.59
C THR B 127 -25.13 5.82 19.90
N TYR B 128 -25.16 5.07 21.00
CA TYR B 128 -25.02 5.65 22.36
C TYR B 128 -23.67 6.39 22.46
N ALA B 129 -22.59 5.73 22.03
CA ALA B 129 -21.26 6.31 22.09
C ALA B 129 -21.19 7.62 21.32
N PHE B 130 -21.69 7.61 20.09
CA PHE B 130 -21.71 8.80 19.24
C PHE B 130 -22.41 9.96 19.98
N GLN B 131 -23.57 9.69 20.59
CA GLN B 131 -24.37 10.73 21.22
C GLN B 131 -23.76 11.25 22.52
N HIS B 132 -22.88 10.48 23.17
CA HIS B 132 -22.32 10.87 24.45
C HIS B 132 -20.84 11.25 24.45
N MET B 133 -20.19 11.14 23.29
CA MET B 133 -18.83 11.64 23.11
C MET B 133 -18.82 13.15 23.01
N LYS B 134 -17.69 13.75 23.39
CA LYS B 134 -17.49 15.20 23.31
C LYS B 134 -17.48 15.65 21.86
N ASP B 135 -16.71 14.95 21.01
CA ASP B 135 -16.53 15.33 19.61
C ASP B 135 -16.32 14.09 18.75
N PRO B 136 -17.40 13.33 18.47
CA PRO B 136 -17.28 12.03 17.82
C PRO B 136 -16.95 12.15 16.32
N ILE B 137 -16.20 11.19 15.79
N ILE B 137 -16.22 11.17 15.79
CA ILE B 137 -16.10 11.02 14.35
CA ILE B 137 -15.93 11.08 14.36
C ILE B 137 -16.10 9.57 14.04
C ILE B 137 -16.07 9.58 14.04
N VAL B 138 -16.42 9.27 12.78
CA VAL B 138 -16.53 7.92 12.31
C VAL B 138 -15.44 7.69 11.28
N VAL B 139 -14.68 6.58 11.43
CA VAL B 139 -13.63 6.23 10.47
C VAL B 139 -13.97 4.91 9.79
N GLU B 140 -13.45 4.73 8.57
CA GLU B 140 -13.78 3.58 7.75
C GLU B 140 -13.22 2.26 8.27
N HIS B 141 -12.00 2.35 8.81
CA HIS B 141 -11.19 1.21 9.22
C HIS B 141 -10.33 1.66 10.39
N ILE B 142 -9.89 0.69 11.22
CA ILE B 142 -8.99 1.03 12.28
C ILE B 142 -8.16 -0.22 12.60
N THR B 143 -6.96 0.00 13.12
CA THR B 143 -6.11 -1.07 13.63
C THR B 143 -5.71 -0.69 15.03
N VAL B 144 -6.03 -1.58 15.98
CA VAL B 144 -5.84 -1.32 17.37
C VAL B 144 -5.22 -2.56 18.03
N PRO B 145 -4.55 -2.39 19.17
CA PRO B 145 -3.81 -3.50 19.79
C PRO B 145 -4.69 -4.51 20.55
N CYS B 146 -5.94 -4.16 20.86
CA CYS B 146 -6.78 -5.04 21.62
C CYS B 146 -8.25 -4.70 21.44
N GLY B 147 -9.11 -5.64 21.84
CA GLY B 147 -10.54 -5.45 21.67
C GLY B 147 -11.35 -6.46 22.45
N ILE B 148 -12.65 -6.15 22.57
CA ILE B 148 -13.63 -6.96 23.28
C ILE B 148 -14.86 -7.09 22.40
N ASP B 149 -15.26 -8.33 22.10
CA ASP B 149 -16.42 -8.63 21.27
C ASP B 149 -17.49 -9.27 22.20
N ILE B 150 -18.63 -8.59 22.33
CA ILE B 150 -19.78 -9.08 23.11
C ILE B 150 -20.86 -9.48 22.12
N GLY B 151 -21.07 -10.80 21.99
CA GLY B 151 -22.11 -11.37 21.17
C GLY B 151 -21.70 -11.74 19.72
N GLN B 152 -20.43 -12.04 19.54
CA GLN B 152 -19.95 -12.69 18.31
C GLN B 152 -20.20 -11.83 17.04
N THR B 153 -19.99 -10.52 17.18
CA THR B 153 -20.10 -9.59 16.03
C THR B 153 -18.87 -9.71 15.11
N LEU B 154 -17.78 -10.24 15.67
CA LEU B 154 -16.44 -10.34 15.06
C LEU B 154 -15.68 -9.02 15.11
N ILE B 155 -14.44 -9.06 15.59
CA ILE B 155 -13.61 -7.88 15.69
C ILE B 155 -12.18 -8.04 15.16
N GLY B 156 -11.87 -9.22 14.62
CA GLY B 156 -10.54 -9.61 14.25
C GLY B 156 -9.91 -8.78 13.15
N MET B 157 -10.75 -8.26 12.29
CA MET B 157 -10.34 -7.36 11.21
C MET B 157 -9.75 -6.07 11.73
N HIS B 158 -10.02 -5.73 12.98
CA HIS B 158 -9.51 -4.49 13.59
C HIS B 158 -8.27 -4.61 14.46
N ILE B 159 -7.84 -5.84 14.74
CA ILE B 159 -6.80 -6.08 15.69
C ILE B 159 -5.45 -6.16 14.95
N LYS B 160 -4.48 -5.44 15.48
CA LYS B 160 -3.08 -5.47 14.98
C LYS B 160 -2.62 -6.91 14.86
N HIS B 161 -2.03 -7.25 13.71
CA HIS B 161 -1.41 -8.56 13.51
C HIS B 161 -0.21 -8.65 14.46
N VAL B 162 -0.05 -9.71 15.24
CA VAL B 162 -0.82 -10.94 15.22
C VAL B 162 -1.85 -10.90 16.36
N CYS B 163 -3.11 -11.21 16.02
CA CYS B 163 -4.20 -11.19 16.99
C CYS B 163 -4.14 -12.46 17.84
N VAL B 164 -4.19 -12.30 19.18
CA VAL B 164 -4.09 -13.40 20.14
C VAL B 164 -5.31 -13.36 21.05
N PRO B 165 -6.15 -14.43 21.06
CA PRO B 165 -7.29 -14.50 21.99
C PRO B 165 -6.81 -14.50 23.44
N VAL B 166 -7.57 -13.88 24.34
CA VAL B 166 -7.30 -13.87 25.76
C VAL B 166 -8.36 -14.68 26.46
N ARG B 167 -7.95 -15.71 27.20
CA ARG B 167 -8.84 -16.55 28.04
C ARG B 167 -9.25 -15.75 29.29
N THR B 168 -10.54 -15.74 29.60
CA THR B 168 -11.03 -15.15 30.84
C THR B 168 -11.92 -16.17 31.52
N SER B 169 -12.05 -16.04 32.83
CA SER B 169 -12.95 -16.90 33.59
C SER B 169 -14.41 -16.49 33.36
N VAL B 170 -14.64 -15.19 33.06
CA VAL B 170 -15.96 -14.70 32.63
C VAL B 170 -16.15 -14.96 31.12
N LYS B 171 -17.10 -15.84 30.78
CA LYS B 171 -17.29 -16.32 29.42
C LYS B 171 -18.47 -15.64 28.70
N GLN B 172 -19.34 -14.98 29.48
CA GLN B 172 -20.53 -14.36 28.93
C GLN B 172 -20.82 -13.05 29.65
N VAL B 173 -21.49 -12.15 28.94
CA VAL B 173 -22.07 -10.97 29.53
C VAL B 173 -23.57 -11.08 29.26
N GLY B 174 -24.34 -11.33 30.33
CA GLY B 174 -25.73 -11.76 30.19
C GLY B 174 -25.71 -13.06 29.40
N GLN B 175 -26.48 -13.10 28.31
CA GLN B 175 -26.53 -14.25 27.41
C GLN B 175 -25.57 -14.21 26.23
N ALA B 176 -24.71 -13.20 26.17
CA ALA B 176 -23.81 -12.99 25.02
C ALA B 176 -22.45 -13.58 25.27
N ILE B 177 -21.99 -14.43 24.34
CA ILE B 177 -20.63 -14.95 24.38
C ILE B 177 -19.67 -13.78 24.25
N VAL B 178 -18.62 -13.76 25.07
CA VAL B 178 -17.64 -12.70 24.99
C VAL B 178 -16.29 -13.26 24.53
N THR B 179 -15.64 -12.54 23.58
CA THR B 179 -14.32 -12.85 23.03
C THR B 179 -13.42 -11.66 23.31
N ILE B 180 -12.20 -11.93 23.77
CA ILE B 180 -11.25 -10.88 24.10
C ILE B 180 -10.00 -11.13 23.24
N ALA B 181 -9.47 -10.08 22.61
CA ALA B 181 -8.28 -10.16 21.77
C ALA B 181 -7.25 -9.14 22.20
N THR B 182 -5.98 -9.60 22.21
CA THR B 182 -4.86 -8.73 22.33
C THR B 182 -3.99 -8.98 21.09
N SER B 183 -2.78 -8.42 21.08
CA SER B 183 -1.91 -8.54 19.92
C SER B 183 -0.47 -8.61 20.34
N ARG B 184 0.34 -9.18 19.46
CA ARG B 184 1.79 -9.38 19.69
C ARG B 184 2.49 -9.43 18.33
N PRO B 185 3.80 -9.14 18.30
CA PRO B 185 4.49 -9.14 17.00
C PRO B 185 4.56 -10.55 16.37
N LYS B 186 4.68 -10.60 15.05
CA LYS B 186 5.00 -11.83 14.33
C LYS B 186 6.33 -12.38 14.86
N LYS B 187 6.38 -13.70 15.00
CA LYS B 187 7.64 -14.37 15.40
C LYS B 187 8.33 -14.77 14.10
N ILE B 188 9.59 -14.38 13.93
CA ILE B 188 10.27 -14.66 12.62
C ILE B 188 11.57 -15.43 12.88
N GLY B 189 12.09 -16.06 11.83
CA GLY B 189 13.37 -16.76 11.96
C GLY B 189 13.23 -18.22 11.63
N GLY B 190 14.32 -18.83 11.17
CA GLY B 190 14.31 -20.26 10.84
C GLY B 190 14.52 -21.13 12.06
N GLU B 191 14.92 -22.38 11.85
CA GLU B 191 15.06 -23.36 12.93
C GLU B 191 16.13 -23.01 13.98
N ARG B 192 17.08 -22.15 13.63
CA ARG B 192 18.20 -21.84 14.56
C ARG B 192 17.91 -20.54 15.29
N ALA B 193 16.77 -19.90 14.99
CA ALA B 193 16.47 -18.58 15.57
C ALA B 193 16.26 -18.67 17.08
N LYS B 194 16.51 -17.57 17.78
CA LYS B 194 16.32 -17.51 19.25
C LYS B 194 15.22 -16.50 19.57
N TYR B 195 14.54 -16.66 20.70
CA TYR B 195 13.39 -15.78 21.09
C TYR B 195 13.58 -15.21 22.50
N GLN B 196 14.64 -15.63 23.20
CA GLN B 196 15.09 -15.03 24.45
C GLN B 196 16.61 -14.78 24.40
N TYR C 18 42.09 -11.18 16.18
CA TYR C 18 40.64 -10.90 15.95
C TYR C 18 40.24 -9.59 16.63
N LYS C 19 40.91 -9.18 17.71
CA LYS C 19 40.61 -7.89 18.38
C LYS C 19 41.15 -6.69 17.60
N LYS C 20 42.19 -6.94 16.80
CA LYS C 20 42.81 -5.93 15.95
C LYS C 20 42.36 -5.96 14.47
N ALA C 21 41.81 -7.09 14.02
CA ALA C 21 41.42 -7.27 12.64
C ALA C 21 40.45 -6.19 12.18
N GLY C 22 40.82 -5.52 11.06
CA GLY C 22 40.00 -4.49 10.44
C GLY C 22 40.09 -3.11 11.06
N PHE C 23 40.78 -2.97 12.20
CA PHE C 23 40.61 -1.80 13.04
C PHE C 23 41.14 -0.55 12.34
N LYS C 24 42.36 -0.66 11.81
CA LYS C 24 42.99 0.46 11.14
C LYS C 24 42.17 0.89 9.91
N ASP C 25 41.76 -0.08 9.08
CA ASP C 25 41.02 0.20 7.87
C ASP C 25 39.67 0.84 8.23
N LEU C 26 38.98 0.27 9.22
CA LEU C 26 37.68 0.78 9.62
C LEU C 26 37.76 2.20 10.15
N THR C 27 38.73 2.45 11.03
CA THR C 27 38.94 3.77 11.60
C THR C 27 39.19 4.81 10.50
N MET C 28 40.04 4.46 9.53
CA MET C 28 40.31 5.37 8.40
C MET C 28 39.09 5.62 7.54
N LEU C 29 38.30 4.57 7.28
CA LEU C 29 37.10 4.66 6.48
C LEU C 29 36.08 5.57 7.16
N LEU C 30 35.90 5.39 8.48
CA LEU C 30 34.93 6.21 9.24
C LEU C 30 35.36 7.68 9.30
N ASP C 31 36.67 7.94 9.45
CA ASP C 31 37.18 9.32 9.46
C ASP C 31 37.01 10.01 8.13
N GLU C 32 37.23 9.25 7.06
CA GLU C 32 37.00 9.70 5.69
C GLU C 32 35.54 10.10 5.49
N LEU C 33 34.63 9.19 5.87
CA LEU C 33 33.19 9.45 5.74
C LEU C 33 32.75 10.66 6.55
N LYS C 34 33.27 10.80 7.78
CA LYS C 34 32.98 11.95 8.62
C LYS C 34 33.35 13.22 7.88
N ASP C 35 34.57 13.25 7.33
CA ASP C 35 35.11 14.39 6.60
C ASP C 35 34.33 14.76 5.35
N MET C 36 33.63 13.81 4.73
CA MET C 36 32.76 14.13 3.60
C MET C 36 31.28 14.30 3.98
N SER C 37 31.01 14.59 5.25
CA SER C 37 29.66 14.82 5.80
C SER C 37 28.67 13.70 5.52
N PHE C 38 29.16 12.46 5.54
CA PHE C 38 28.31 11.31 5.30
C PHE C 38 27.35 11.01 6.46
N PHE C 39 27.77 11.37 7.66
CA PHE C 39 27.04 11.09 8.91
C PHE C 39 26.35 12.36 9.38
N ASN C 40 25.02 12.37 9.35
CA ASN C 40 24.25 13.56 9.71
C ASN C 40 23.47 13.35 10.99
N LYS C 41 23.45 14.37 11.84
CA LYS C 41 22.71 14.33 13.08
C LYS C 41 21.26 13.92 12.80
N GLY C 42 20.79 12.91 13.53
CA GLY C 42 19.42 12.44 13.43
C GLY C 42 19.13 11.43 12.32
N ASP C 43 20.07 11.19 11.40
CA ASP C 43 19.89 10.17 10.37
C ASP C 43 20.17 8.82 11.01
N ILE C 44 19.57 7.77 10.41
CA ILE C 44 19.92 6.39 10.67
C ILE C 44 20.79 5.87 9.52
N CYS C 45 21.90 5.22 9.88
CA CYS C 45 22.77 4.56 8.94
C CYS C 45 22.72 3.05 9.16
N LEU C 46 22.37 2.30 8.11
CA LEU C 46 22.27 0.86 8.17
C LEU C 46 23.63 0.22 7.94
N ILE C 47 23.98 -0.69 8.83
CA ILE C 47 25.18 -1.52 8.74
C ILE C 47 24.84 -2.95 8.37
N GLY C 48 25.47 -3.42 7.29
CA GLY C 48 25.48 -4.80 6.87
C GLY C 48 26.91 -5.26 7.10
N CYS C 49 27.07 -6.38 7.84
CA CYS C 49 28.40 -6.88 8.09
C CYS C 49 28.48 -8.38 8.09
N SER C 50 29.61 -8.88 7.59
CA SER C 50 30.05 -10.26 7.67
C SER C 50 31.47 -10.23 8.23
N THR C 51 31.60 -10.60 9.50
CA THR C 51 32.86 -10.58 10.21
C THR C 51 33.83 -11.61 9.64
N SER C 52 33.29 -12.71 9.10
CA SER C 52 34.14 -13.71 8.48
C SER C 52 34.82 -13.14 7.25
N GLU C 53 34.14 -12.25 6.51
CA GLU C 53 34.76 -11.61 5.35
C GLU C 53 35.92 -10.71 5.78
N VAL C 54 35.78 -10.05 6.92
CA VAL C 54 36.85 -9.17 7.43
C VAL C 54 38.14 -9.96 7.66
N ILE C 55 37.99 -11.17 8.21
CA ILE C 55 39.13 -12.05 8.45
C ILE C 55 39.54 -12.81 7.19
N GLY C 56 38.55 -13.22 6.39
CA GLY C 56 38.78 -13.89 5.13
C GLY C 56 38.62 -15.40 5.15
N GLU C 57 38.04 -15.94 6.21
CA GLU C 57 37.85 -17.37 6.33
C GLU C 57 36.84 -17.55 7.45
N LYS C 58 36.29 -18.76 7.58
CA LYS C 58 35.44 -19.14 8.71
C LYS C 58 36.32 -19.13 9.96
N ILE C 59 35.83 -18.53 11.07
CA ILE C 59 36.70 -18.21 12.24
C ILE C 59 36.28 -18.66 13.69
N GLY C 60 35.05 -19.10 13.85
CA GLY C 60 34.50 -19.44 15.16
C GLY C 60 33.87 -18.21 15.83
N THR C 61 32.99 -18.48 16.79
CA THR C 61 32.16 -17.46 17.42
C THR C 61 32.92 -16.50 18.33
N VAL C 62 33.95 -17.00 19.02
CA VAL C 62 34.79 -16.13 19.83
C VAL C 62 35.42 -15.01 18.96
N GLY C 63 36.09 -15.41 17.87
CA GLY C 63 36.79 -14.52 16.97
C GLY C 63 35.83 -13.57 16.27
N SER C 64 34.72 -14.12 15.76
CA SER C 64 33.75 -13.35 15.06
C SER C 64 33.10 -12.30 15.99
N MET C 65 32.87 -12.66 17.25
CA MET C 65 32.32 -11.70 18.22
C MET C 65 33.35 -10.61 18.60
N GLU C 66 34.64 -10.94 18.58
CA GLU C 66 35.70 -9.94 18.79
C GLU C 66 35.72 -8.90 17.64
N VAL C 67 35.58 -9.36 16.41
CA VAL C 67 35.49 -8.45 15.27
C VAL C 67 34.22 -7.59 15.40
N ALA C 68 33.10 -8.21 15.77
CA ALA C 68 31.85 -7.47 15.97
C ALA C 68 32.01 -6.37 17.00
N GLU C 69 32.68 -6.69 18.11
CA GLU C 69 32.94 -5.72 19.17
C GLU C 69 33.74 -4.52 18.68
N THR C 70 34.79 -4.76 17.91
N THR C 70 34.79 -4.76 17.91
CA THR C 70 35.62 -3.69 17.39
CA THR C 70 35.63 -3.69 17.38
C THR C 70 34.83 -2.77 16.46
C THR C 70 34.83 -2.77 16.46
N ILE C 71 33.99 -3.36 15.59
CA ILE C 71 33.17 -2.61 14.64
C ILE C 71 32.13 -1.81 15.41
N PHE C 72 31.42 -2.47 16.33
CA PHE C 72 30.41 -1.80 17.13
C PHE C 72 30.98 -0.60 17.88
N ASN C 73 32.14 -0.77 18.50
CA ASN C 73 32.77 0.29 19.29
C ASN C 73 33.24 1.46 18.44
N ALA C 74 33.80 1.17 17.26
CA ALA C 74 34.21 2.24 16.31
C ALA C 74 32.98 3.06 15.84
N LEU C 75 31.88 2.37 15.55
CA LEU C 75 30.64 2.99 15.10
C LEU C 75 30.08 3.86 16.22
N ASP C 76 30.19 3.37 17.45
CA ASP C 76 29.70 4.11 18.59
C ASP C 76 30.41 5.44 18.79
N VAL C 77 31.73 5.47 18.56
CA VAL C 77 32.50 6.72 18.63
C VAL C 77 31.92 7.73 17.63
N VAL C 78 31.67 7.27 16.40
CA VAL C 78 31.13 8.12 15.34
C VAL C 78 29.77 8.66 15.73
N SER C 79 28.95 7.79 16.34
CA SER C 79 27.62 8.14 16.76
C SER C 79 27.65 9.33 17.74
N LYS C 80 28.58 9.28 18.71
CA LYS C 80 28.70 10.32 19.73
C LYS C 80 29.25 11.62 19.17
N GLU C 81 30.09 11.52 18.13
CA GLU C 81 30.69 12.68 17.49
C GLU C 81 29.75 13.39 16.52
N THR C 82 28.92 12.62 15.81
CA THR C 82 28.08 13.14 14.73
C THR C 82 26.58 13.20 14.99
N GLY C 83 26.11 12.44 15.98
CA GLY C 83 24.70 12.30 16.29
C GLY C 83 23.92 11.42 15.33
N VAL C 84 24.61 10.68 14.46
CA VAL C 84 23.99 9.65 13.64
C VAL C 84 23.74 8.43 14.56
N THR C 85 22.73 7.61 14.21
CA THR C 85 22.48 6.38 14.91
C THR C 85 22.58 5.26 13.89
N PHE C 86 22.88 4.06 14.38
CA PHE C 86 23.12 2.91 13.54
C PHE C 86 22.03 1.86 13.72
N ALA C 87 21.70 1.19 12.61
CA ALA C 87 20.78 0.07 12.55
C ALA C 87 21.56 -1.08 11.98
N PHE C 88 21.33 -2.28 12.51
CA PHE C 88 22.15 -3.45 12.18
C PHE C 88 21.33 -4.53 11.52
N GLN C 89 21.67 -4.81 10.27
CA GLN C 89 20.93 -5.84 9.50
C GLN C 89 21.31 -7.23 9.97
N GLY C 90 20.34 -8.13 10.10
CA GLY C 90 20.63 -9.53 10.46
C GLY C 90 20.80 -10.38 9.23
N CYS C 91 21.28 -11.62 9.39
CA CYS C 91 21.53 -12.51 8.24
C CYS C 91 20.20 -13.01 7.66
N GLU C 92 20.26 -13.77 6.55
CA GLU C 92 19.02 -14.23 5.86
C GLU C 92 18.21 -15.17 6.76
N HIS C 93 18.84 -15.86 7.70
CA HIS C 93 18.12 -16.82 8.56
C HIS C 93 17.04 -16.08 9.35
N ILE C 94 17.29 -14.82 9.71
CA ILE C 94 16.26 -13.99 10.40
C ILE C 94 15.64 -13.03 9.38
N ASN C 95 15.65 -13.41 8.09
CA ASN C 95 14.95 -12.61 7.05
C ASN C 95 15.52 -11.19 6.94
N ARG C 96 16.80 -10.99 7.25
CA ARG C 96 17.44 -9.65 7.17
C ARG C 96 16.69 -8.67 8.09
N ALA C 97 16.08 -9.17 9.16
CA ALA C 97 15.40 -8.26 10.13
C ALA C 97 16.44 -7.28 10.67
N ILE C 98 16.01 -6.08 11.06
CA ILE C 98 16.99 -5.03 11.45
C ILE C 98 16.90 -4.69 12.94
N THR C 99 18.04 -4.73 13.63
CA THR C 99 18.14 -4.32 15.03
C THR C 99 18.41 -2.82 15.17
N ILE C 100 17.55 -2.14 15.94
CA ILE C 100 17.68 -0.72 16.25
C ILE C 100 17.36 -0.42 17.70
N GLU C 101 17.77 0.76 18.17
CA GLU C 101 17.37 1.25 19.47
C GLU C 101 15.88 1.59 19.42
N LYS C 102 15.14 1.26 20.50
CA LYS C 102 13.72 1.57 20.55
C LYS C 102 13.43 3.04 20.35
N SER C 103 14.30 3.91 20.88
CA SER C 103 14.17 5.35 20.66
C SER C 103 14.10 5.76 19.17
N GLN C 104 14.58 4.89 18.27
CA GLN C 104 14.50 5.12 16.81
C GLN C 104 13.37 4.37 16.09
N TYR C 105 12.59 3.60 16.83
CA TYR C 105 11.41 2.87 16.31
C TYR C 105 10.33 3.89 15.94
N ASN C 106 9.84 3.83 14.70
CA ASN C 106 8.69 4.61 14.30
C ASN C 106 7.62 3.63 13.85
N PRO C 107 6.55 3.43 14.67
CA PRO C 107 5.49 2.49 14.35
C PRO C 107 4.78 2.79 13.02
N LEU C 108 4.81 4.06 12.58
CA LEU C 108 4.18 4.45 11.33
C LEU C 108 4.87 3.88 10.13
N THR C 109 6.18 3.66 10.23
CA THR C 109 6.97 3.25 9.10
C THR C 109 7.64 1.89 9.28
N MET C 110 7.57 1.34 10.49
CA MET C 110 8.32 0.12 10.83
C MET C 110 7.38 -0.84 11.55
N GLU C 111 7.71 -2.13 11.50
CA GLU C 111 6.95 -3.17 12.15
C GLU C 111 7.84 -4.02 13.01
N GLU C 112 7.65 -3.93 14.33
CA GLU C 112 8.39 -4.77 15.27
C GLU C 112 8.11 -6.24 15.00
N VAL C 113 9.16 -7.07 15.06
CA VAL C 113 9.06 -8.50 14.96
C VAL C 113 9.76 -9.12 16.18
N SER C 114 9.34 -10.35 16.49
CA SER C 114 9.87 -11.04 17.69
C SER C 114 10.99 -12.00 17.27
N VAL C 115 12.23 -11.66 17.62
CA VAL C 115 13.39 -12.54 17.35
C VAL C 115 14.56 -11.96 18.14
N VAL C 116 15.44 -12.80 18.64
CA VAL C 116 16.65 -12.30 19.35
C VAL C 116 17.86 -12.72 18.53
N PRO C 117 18.57 -11.77 17.88
CA PRO C 117 19.72 -12.11 17.04
C PRO C 117 20.72 -12.97 17.83
N ASP C 118 21.19 -14.03 17.19
CA ASP C 118 22.19 -14.96 17.75
C ASP C 118 23.30 -15.10 16.71
N VAL C 119 24.49 -15.53 17.14
N VAL C 119 24.49 -15.52 17.14
CA VAL C 119 25.61 -15.65 16.22
CA VAL C 119 25.62 -15.66 16.21
C VAL C 119 25.28 -16.53 15.02
C VAL C 119 25.27 -16.52 15.01
N HIS C 120 24.55 -17.60 15.11
CA HIS C 120 24.15 -18.64 14.12
C HIS C 120 22.75 -18.34 13.58
N ALA C 121 22.14 -17.23 14.01
CA ALA C 121 20.81 -16.83 13.50
C ALA C 121 20.69 -15.31 13.68
N GLY C 122 21.33 -14.54 12.79
CA GLY C 122 21.34 -13.07 12.92
C GLY C 122 22.69 -12.50 12.58
N GLY C 123 23.75 -13.20 13.00
CA GLY C 123 25.12 -12.74 12.68
C GLY C 123 25.80 -12.11 13.86
N SER C 124 27.13 -12.11 13.88
CA SER C 124 27.87 -11.61 14.98
C SER C 124 27.58 -10.15 15.33
N LEU C 125 27.54 -9.28 14.31
CA LEU C 125 27.41 -7.87 14.61
C LEU C 125 26.00 -7.54 15.13
N ALA C 126 25.00 -8.10 14.49
CA ALA C 126 23.62 -7.86 14.94
C ALA C 126 23.42 -8.38 16.36
N THR C 127 24.05 -9.53 16.65
CA THR C 127 23.98 -10.15 17.96
C THR C 127 24.65 -9.25 18.99
N TYR C 128 25.85 -8.77 18.67
CA TYR C 128 26.63 -7.89 19.57
C TYR C 128 25.84 -6.61 19.83
N ALA C 129 25.32 -6.00 18.75
CA ALA C 129 24.54 -4.79 18.87
C ALA C 129 23.32 -4.97 19.76
N PHE C 130 22.57 -6.04 19.54
CA PHE C 130 21.38 -6.36 20.34
C PHE C 130 21.78 -6.41 21.83
N GLN C 131 22.86 -7.11 22.15
CA GLN C 131 23.28 -7.30 23.54
C GLN C 131 23.80 -6.04 24.20
N HIS C 132 24.27 -5.06 23.42
CA HIS C 132 24.89 -3.87 23.98
C HIS C 132 24.13 -2.57 23.82
N MET C 133 22.97 -2.63 23.17
CA MET C 133 22.03 -1.51 23.11
C MET C 133 21.32 -1.33 24.43
N LYS C 134 20.90 -0.09 24.69
CA LYS C 134 20.14 0.23 25.89
C LYS C 134 18.78 -0.46 25.87
N ASP C 135 18.07 -0.36 24.74
CA ASP C 135 16.72 -0.90 24.62
C ASP C 135 16.46 -1.35 23.18
N PRO C 136 17.00 -2.52 22.76
CA PRO C 136 16.94 -2.93 21.36
C PRO C 136 15.56 -3.44 20.94
N ILE C 137 15.19 -3.21 19.68
CA ILE C 137 14.07 -3.89 19.07
CA ILE C 137 13.99 -3.76 19.07
C ILE C 137 14.43 -4.25 17.67
N VAL C 138 13.71 -5.24 17.14
CA VAL C 138 13.98 -5.77 15.82
C VAL C 138 12.77 -5.45 14.94
N VAL C 139 13.02 -4.88 13.75
CA VAL C 139 11.96 -4.56 12.81
C VAL C 139 12.13 -5.36 11.51
N GLU C 140 11.03 -5.59 10.82
CA GLU C 140 11.01 -6.49 9.66
C GLU C 140 11.73 -5.87 8.44
N HIS C 141 11.54 -4.55 8.30
CA HIS C 141 12.05 -3.79 7.15
C HIS C 141 12.41 -2.40 7.65
N ILE C 142 13.27 -1.69 6.90
CA ILE C 142 13.56 -0.32 7.24
C ILE C 142 13.96 0.42 5.98
N THR C 143 13.77 1.73 6.00
CA THR C 143 14.26 2.60 4.91
C THR C 143 15.06 3.70 5.57
N VAL C 144 16.32 3.85 5.18
CA VAL C 144 17.23 4.78 5.77
C VAL C 144 18.02 5.50 4.68
N PRO C 145 18.55 6.70 4.98
CA PRO C 145 19.18 7.51 3.94
C PRO C 145 20.60 7.07 3.55
N CYS C 146 21.24 6.23 4.35
CA CYS C 146 22.59 5.82 4.04
C CYS C 146 22.96 4.52 4.75
N GLY C 147 24.03 3.89 4.28
CA GLY C 147 24.46 2.63 4.84
C GLY C 147 25.84 2.24 4.44
N ILE C 148 26.36 1.23 5.16
CA ILE C 148 27.72 0.70 4.96
C ILE C 148 27.59 -0.82 4.95
N ASP C 149 28.04 -1.44 3.87
CA ASP C 149 28.05 -2.88 3.69
C ASP C 149 29.52 -3.36 3.75
N ILE C 150 29.84 -4.17 4.74
CA ILE C 150 31.17 -4.77 4.90
C ILE C 150 31.06 -6.24 4.57
N GLY C 151 31.61 -6.61 3.41
CA GLY C 151 31.67 -7.99 2.95
C GLY C 151 30.51 -8.45 2.08
N GLN C 152 29.91 -7.52 1.34
CA GLN C 152 28.96 -7.87 0.25
C GLN C 152 27.73 -8.66 0.74
N THR C 153 27.20 -8.27 1.90
CA THR C 153 25.96 -8.87 2.46
C THR C 153 24.73 -8.35 1.71
N LEU C 154 24.90 -7.20 1.04
CA LEU C 154 23.89 -6.41 0.32
C LEU C 154 23.02 -5.60 1.28
N ILE C 155 22.87 -4.29 0.97
CA ILE C 155 22.07 -3.41 1.84
C ILE C 155 21.10 -2.51 1.07
N GLY C 156 21.07 -2.65 -0.26
CA GLY C 156 20.36 -1.72 -1.14
C GLY C 156 18.85 -1.71 -0.94
N MET C 157 18.31 -2.85 -0.47
CA MET C 157 16.91 -2.99 -0.15
C MET C 157 16.49 -2.06 0.98
N HIS C 158 17.44 -1.56 1.77
CA HIS C 158 17.17 -0.68 2.90
C HIS C 158 17.37 0.80 2.70
N ILE C 159 17.93 1.18 1.53
CA ILE C 159 18.33 2.53 1.30
C ILE C 159 17.20 3.26 0.58
N LYS C 160 16.88 4.45 1.07
CA LYS C 160 15.89 5.33 0.42
C LYS C 160 16.18 5.51 -1.06
N HIS C 161 15.16 5.33 -1.91
CA HIS C 161 15.31 5.57 -3.34
C HIS C 161 15.54 7.07 -3.53
N VAL C 162 16.56 7.48 -4.29
CA VAL C 162 17.43 6.70 -5.13
C VAL C 162 18.76 6.45 -4.41
N CYS C 163 19.18 5.21 -4.42
CA CYS C 163 20.39 4.77 -3.72
C CYS C 163 21.61 5.12 -4.61
N VAL C 164 22.59 5.80 -4.04
CA VAL C 164 23.79 6.29 -4.77
C VAL C 164 25.04 5.76 -4.07
N PRO C 165 25.87 4.95 -4.75
CA PRO C 165 27.15 4.52 -4.18
C PRO C 165 28.08 5.72 -3.92
N VAL C 166 28.88 5.64 -2.85
CA VAL C 166 29.80 6.68 -2.46
C VAL C 166 31.21 6.12 -2.65
N ARG C 167 32.03 6.81 -3.46
CA ARG C 167 33.44 6.42 -3.70
C ARG C 167 34.28 6.76 -2.47
N THR C 168 35.10 5.81 -1.99
CA THR C 168 35.96 6.09 -0.86
C THR C 168 37.39 5.70 -1.22
N SER C 169 38.35 6.32 -0.55
CA SER C 169 39.75 5.99 -0.75
C SER C 169 40.07 4.62 -0.10
N VAL C 170 39.40 4.32 1.02
CA VAL C 170 39.57 3.04 1.71
C VAL C 170 38.49 2.10 1.18
N LYS C 171 38.89 1.05 0.44
CA LYS C 171 37.97 0.18 -0.28
C LYS C 171 37.69 -1.18 0.41
N GLN C 172 38.40 -1.46 1.50
CA GLN C 172 38.28 -2.73 2.22
C GLN C 172 38.42 -2.52 3.72
N VAL C 173 37.79 -3.41 4.50
CA VAL C 173 38.04 -3.48 5.91
C VAL C 173 38.58 -4.91 6.14
N GLY C 174 39.87 -5.01 6.44
CA GLY C 174 40.57 -6.28 6.43
C GLY C 174 40.47 -6.86 5.03
N GLN C 175 39.94 -8.08 4.91
CA GLN C 175 39.74 -8.72 3.63
C GLN C 175 38.34 -8.51 3.01
N ALA C 176 37.51 -7.71 3.65
CA ALA C 176 36.12 -7.52 3.23
C ALA C 176 35.99 -6.28 2.34
N ILE C 177 35.37 -6.47 1.17
CA ILE C 177 35.04 -5.37 0.27
C ILE C 177 34.01 -4.52 0.98
N VAL C 178 34.19 -3.20 0.96
CA VAL C 178 33.19 -2.31 1.57
C VAL C 178 32.46 -1.51 0.49
N THR C 179 31.15 -1.42 0.65
CA THR C 179 30.24 -0.62 -0.21
C THR C 179 29.54 0.40 0.67
N ILE C 180 29.55 1.66 0.22
CA ILE C 180 28.98 2.77 0.97
C ILE C 180 27.87 3.36 0.08
N ALA C 181 26.69 3.57 0.69
CA ALA C 181 25.53 4.10 -0.03
C ALA C 181 24.96 5.30 0.67
N THR C 182 24.60 6.29 -0.13
CA THR C 182 23.82 7.40 0.32
C THR C 182 22.57 7.41 -0.57
N SER C 183 21.78 8.47 -0.45
CA SER C 183 20.52 8.57 -1.19
C SER C 183 20.25 9.99 -1.58
N ARG C 184 19.42 10.15 -2.60
CA ARG C 184 19.05 11.46 -3.17
C ARG C 184 17.70 11.32 -3.87
N PRO C 185 16.97 12.43 -4.04
CA PRO C 185 15.65 12.35 -4.70
C PRO C 185 15.74 11.88 -6.17
N LYS C 186 14.66 11.27 -6.67
CA LYS C 186 14.50 11.00 -8.09
C LYS C 186 14.62 12.33 -8.86
N LYS C 187 15.35 12.32 -9.98
CA LYS C 187 15.36 13.43 -10.91
C LYS C 187 14.20 13.23 -11.90
N ILE C 188 13.38 14.25 -12.07
CA ILE C 188 12.21 14.11 -12.92
C ILE C 188 12.14 15.29 -13.93
N GLY C 189 11.34 15.07 -14.96
CA GLY C 189 11.10 16.03 -16.00
C GLY C 189 11.70 15.61 -17.32
N GLY C 190 11.16 16.20 -18.39
CA GLY C 190 11.60 15.96 -19.75
C GLY C 190 12.85 16.73 -20.14
N GLU C 191 13.13 16.75 -21.45
CA GLU C 191 14.37 17.31 -21.95
C GLU C 191 14.56 18.81 -21.68
N ARG C 192 13.47 19.54 -21.41
CA ARG C 192 13.52 21.01 -21.16
C ARG C 192 13.69 21.32 -19.67
N ALA C 193 13.56 20.31 -18.80
CA ALA C 193 13.60 20.55 -17.38
C ALA C 193 14.96 21.03 -16.90
N LYS C 194 14.94 21.85 -15.84
CA LYS C 194 16.12 22.42 -15.21
C LYS C 194 16.30 21.84 -13.84
N TYR C 195 17.56 21.78 -13.35
CA TYR C 195 17.92 21.13 -12.05
C TYR C 195 18.68 22.11 -11.15
N GLN C 196 18.95 23.32 -11.63
CA GLN C 196 19.57 24.43 -10.91
C GLN C 196 18.82 25.72 -11.21
N LYS D 19 -6.40 47.24 -13.95
CA LYS D 19 -6.45 46.95 -15.42
C LYS D 19 -5.33 45.95 -15.82
N LYS D 20 -4.51 45.50 -14.85
CA LYS D 20 -3.58 44.41 -15.07
C LYS D 20 -4.37 43.11 -15.26
N ALA D 21 -3.97 42.33 -16.28
CA ALA D 21 -4.73 41.18 -16.73
C ALA D 21 -5.00 40.20 -15.60
N GLY D 22 -6.28 39.87 -15.40
CA GLY D 22 -6.71 38.91 -14.42
C GLY D 22 -6.97 39.43 -13.04
N PHE D 23 -6.43 40.61 -12.71
CA PHE D 23 -6.35 41.06 -11.35
C PHE D 23 -7.73 41.26 -10.73
N LYS D 24 -8.59 41.99 -11.45
CA LYS D 24 -9.91 42.30 -10.94
C LYS D 24 -10.73 41.03 -10.76
N ASP D 25 -10.70 40.13 -11.75
CA ASP D 25 -11.47 38.90 -11.72
C ASP D 25 -10.97 38.03 -10.56
N LEU D 26 -9.64 37.91 -10.44
CA LEU D 26 -9.08 37.10 -9.36
C LEU D 26 -9.43 37.63 -7.97
N THR D 27 -9.30 38.95 -7.78
CA THR D 27 -9.66 39.60 -6.53
C THR D 27 -11.11 39.31 -6.15
N MET D 28 -12.02 39.43 -7.13
CA MET D 28 -13.43 39.14 -6.89
C MET D 28 -13.69 37.67 -6.54
N LEU D 29 -12.99 36.76 -7.24
CA LEU D 29 -13.10 35.34 -7.00
C LEU D 29 -12.63 34.99 -5.59
N LEU D 30 -11.51 35.56 -5.18
CA LEU D 30 -10.93 35.28 -3.86
C LEU D 30 -11.84 35.83 -2.74
N ASP D 31 -12.43 37.02 -2.95
CA ASP D 31 -13.37 37.59 -1.97
C ASP D 31 -14.62 36.74 -1.80
N GLU D 32 -15.12 36.23 -2.92
CA GLU D 32 -16.25 35.33 -2.95
C GLU D 32 -15.95 34.05 -2.15
N LEU D 33 -14.80 33.44 -2.45
CA LEU D 33 -14.38 32.23 -1.76
C LEU D 33 -14.20 32.45 -0.26
N LYS D 34 -13.59 33.58 0.12
CA LYS D 34 -13.44 33.94 1.52
C LYS D 34 -14.79 33.95 2.21
N ASP D 35 -15.76 34.62 1.58
CA ASP D 35 -17.12 34.74 2.10
C ASP D 35 -17.87 33.42 2.25
N MET D 36 -17.51 32.40 1.47
CA MET D 36 -18.09 31.08 1.65
C MET D 36 -17.23 30.12 2.47
N SER D 37 -16.30 30.67 3.26
CA SER D 37 -15.39 29.90 4.14
C SER D 37 -14.60 28.82 3.43
N PHE D 38 -14.21 29.09 2.19
CA PHE D 38 -13.47 28.11 1.40
C PHE D 38 -12.04 27.90 1.89
N PHE D 39 -11.45 28.95 2.49
CA PHE D 39 -10.05 28.96 2.91
C PHE D 39 -10.00 28.77 4.42
N ASN D 40 -9.44 27.64 4.87
CA ASN D 40 -9.38 27.32 6.30
C ASN D 40 -7.96 27.34 6.81
N LYS D 41 -7.78 27.90 8.02
CA LYS D 41 -6.47 27.99 8.65
C LYS D 41 -5.86 26.60 8.68
N GLY D 42 -4.61 26.50 8.22
CA GLY D 42 -3.88 25.25 8.25
C GLY D 42 -4.07 24.33 7.05
N ASP D 43 -5.05 24.61 6.18
CA ASP D 43 -5.25 23.82 4.98
C ASP D 43 -4.17 24.23 3.95
N ILE D 44 -3.89 23.31 3.04
CA ILE D 44 -3.19 23.61 1.78
C ILE D 44 -4.21 23.68 0.64
N CYS D 45 -4.10 24.72 -0.19
CA CYS D 45 -4.90 24.89 -1.39
C CYS D 45 -3.98 24.81 -2.61
N LEU D 46 -4.27 23.88 -3.52
CA LEU D 46 -3.49 23.66 -4.71
C LEU D 46 -3.96 24.61 -5.82
N ILE D 47 -3.00 25.29 -6.44
CA ILE D 47 -3.21 26.15 -7.60
C ILE D 47 -2.67 25.49 -8.85
N GLY D 48 -3.56 25.37 -9.85
CA GLY D 48 -3.25 24.96 -11.19
C GLY D 48 -3.46 26.22 -12.03
N CYS D 49 -2.44 26.58 -12.80
CA CYS D 49 -2.56 27.79 -13.59
C CYS D 49 -1.87 27.70 -14.93
N SER D 50 -2.51 28.32 -15.92
CA SER D 50 -1.95 28.60 -17.23
C SER D 50 -2.14 30.09 -17.49
N THR D 51 -1.05 30.86 -17.36
CA THR D 51 -1.07 32.30 -17.53
C THR D 51 -1.40 32.68 -18.97
N SER D 52 -1.04 31.82 -19.92
CA SER D 52 -1.36 32.09 -21.31
C SER D 52 -2.87 32.06 -21.51
N GLU D 53 -3.58 31.20 -20.78
CA GLU D 53 -5.04 31.17 -20.88
C GLU D 53 -5.65 32.48 -20.36
N VAL D 54 -5.04 33.05 -19.31
CA VAL D 54 -5.53 34.30 -18.72
C VAL D 54 -5.51 35.42 -19.77
N ILE D 55 -4.44 35.47 -20.55
CA ILE D 55 -4.28 36.46 -21.61
C ILE D 55 -5.02 36.07 -22.87
N GLY D 56 -5.01 34.78 -23.19
CA GLY D 56 -5.63 34.26 -24.40
C GLY D 56 -4.67 34.03 -25.57
N ILE D 59 2.19 37.10 -24.80
CA ILE D 59 2.36 35.64 -24.87
C ILE D 59 3.81 35.18 -24.51
N GLY D 60 4.77 36.11 -24.53
CA GLY D 60 6.14 35.85 -24.14
C GLY D 60 6.36 35.69 -22.64
N THR D 61 7.61 35.43 -22.26
CA THR D 61 7.97 35.12 -20.86
C THR D 61 7.88 36.34 -19.93
N VAL D 62 8.19 37.54 -20.44
CA VAL D 62 7.99 38.76 -19.68
C VAL D 62 6.53 38.92 -19.23
N GLY D 63 5.60 38.85 -20.18
CA GLY D 63 4.18 39.03 -19.94
C GLY D 63 3.61 37.93 -19.06
N SER D 64 3.98 36.69 -19.37
CA SER D 64 3.51 35.54 -18.62
C SER D 64 4.00 35.62 -17.16
N MET D 65 5.23 36.09 -16.96
CA MET D 65 5.76 36.23 -15.59
C MET D 65 5.09 37.38 -14.83
N GLU D 66 4.67 38.43 -15.54
CA GLU D 66 3.88 39.51 -14.93
C GLU D 66 2.51 39.00 -14.43
N VAL D 67 1.85 38.16 -15.23
CA VAL D 67 0.60 37.56 -14.82
C VAL D 67 0.83 36.66 -13.60
N ALA D 68 1.90 35.86 -13.64
CA ALA D 68 2.24 34.98 -12.54
C ALA D 68 2.40 35.77 -11.25
N GLU D 69 3.13 36.88 -11.34
CA GLU D 69 3.36 37.76 -10.20
C GLU D 69 2.05 38.27 -9.58
N THR D 70 1.13 38.73 -10.42
CA THR D 70 -0.14 39.26 -9.94
C THR D 70 -0.96 38.18 -9.22
N ILE D 71 -0.99 36.97 -9.78
CA ILE D 71 -1.70 35.83 -9.19
C ILE D 71 -1.06 35.45 -7.87
N PHE D 72 0.27 35.28 -7.87
CA PHE D 72 1.00 34.92 -6.67
C PHE D 72 0.72 35.90 -5.53
N ASN D 73 0.79 37.20 -5.84
CA ASN D 73 0.60 38.26 -4.85
C ASN D 73 -0.82 38.32 -4.29
N ALA D 74 -1.82 38.11 -5.15
CA ALA D 74 -3.22 38.07 -4.71
C ALA D 74 -3.46 36.88 -3.76
N LEU D 75 -2.89 35.73 -4.09
CA LEU D 75 -2.99 34.53 -3.28
C LEU D 75 -2.31 34.75 -1.94
N ASP D 76 -1.17 35.45 -1.96
CA ASP D 76 -0.45 35.72 -0.73
C ASP D 76 -1.26 36.58 0.27
N VAL D 77 -2.03 37.55 -0.24
CA VAL D 77 -2.90 38.35 0.61
C VAL D 77 -3.90 37.45 1.33
N VAL D 78 -4.51 36.52 0.58
CA VAL D 78 -5.49 35.57 1.12
C VAL D 78 -4.85 34.71 2.20
N SER D 79 -3.62 34.28 1.93
CA SER D 79 -2.87 33.44 2.84
C SER D 79 -2.72 34.12 4.20
N LYS D 80 -2.37 35.40 4.20
CA LYS D 80 -2.17 36.18 5.43
C LYS D 80 -3.47 36.45 6.18
N GLU D 81 -4.57 36.57 5.43
CA GLU D 81 -5.89 36.83 5.99
C GLU D 81 -6.56 35.59 6.60
N THR D 82 -6.33 34.43 5.96
CA THR D 82 -7.04 33.20 6.31
C THR D 82 -6.20 32.11 6.97
N GLY D 83 -4.87 32.19 6.83
CA GLY D 83 -3.95 31.18 7.32
C GLY D 83 -3.88 29.91 6.47
N VAL D 84 -4.46 29.95 5.27
CA VAL D 84 -4.32 28.87 4.30
C VAL D 84 -2.93 29.05 3.66
N THR D 85 -2.35 27.96 3.15
CA THR D 85 -1.11 28.04 2.39
C THR D 85 -1.39 27.46 1.01
N PHE D 86 -0.56 27.85 0.03
CA PHE D 86 -0.75 27.47 -1.35
C PHE D 86 0.36 26.57 -1.85
N ALA D 87 -0.02 25.62 -2.71
CA ALA D 87 0.88 24.70 -3.41
C ALA D 87 0.65 24.93 -4.89
N PHE D 88 1.72 24.86 -5.68
CA PHE D 88 1.67 25.22 -7.08
C PHE D 88 2.00 24.05 -7.98
N GLN D 89 1.01 23.61 -8.75
CA GLN D 89 1.20 22.53 -9.70
C GLN D 89 2.05 22.99 -10.89
N GLY D 90 3.03 22.18 -11.27
CA GLY D 90 3.81 22.43 -12.47
C GLY D 90 3.12 21.78 -13.65
N CYS D 91 3.59 22.10 -14.85
CA CYS D 91 2.96 21.54 -16.06
C CYS D 91 3.38 20.08 -16.27
N GLU D 92 2.81 19.48 -17.32
CA GLU D 92 3.01 18.06 -17.59
C GLU D 92 4.45 17.69 -17.95
N HIS D 93 5.24 18.65 -18.48
CA HIS D 93 6.64 18.38 -18.80
C HIS D 93 7.47 17.96 -17.56
N ILE D 94 7.08 18.47 -16.39
CA ILE D 94 7.62 18.04 -15.11
C ILE D 94 6.60 17.21 -14.32
N ASN D 95 5.80 16.43 -15.06
CA ASN D 95 4.87 15.45 -14.49
C ASN D 95 3.88 15.96 -13.46
N ARG D 96 3.48 17.22 -13.59
CA ARG D 96 2.59 17.90 -12.63
C ARG D 96 3.17 17.87 -11.20
N ALA D 97 4.49 17.84 -11.06
CA ALA D 97 5.10 17.89 -9.74
C ALA D 97 4.73 19.23 -9.09
N ILE D 98 4.69 19.25 -7.76
CA ILE D 98 4.08 20.32 -7.00
C ILE D 98 5.10 21.05 -6.18
N THR D 99 5.14 22.37 -6.32
CA THR D 99 5.99 23.23 -5.54
C THR D 99 5.29 23.73 -4.29
N ILE D 100 5.93 23.49 -3.13
CA ILE D 100 5.46 23.93 -1.82
C ILE D 100 6.60 24.46 -0.96
N GLU D 101 6.25 25.21 0.09
CA GLU D 101 7.23 25.61 1.10
C GLU D 101 7.65 24.36 1.86
N LYS D 102 8.94 24.28 2.20
CA LYS D 102 9.45 23.15 2.99
C LYS D 102 8.71 22.98 4.32
N SER D 103 8.34 24.09 4.95
CA SER D 103 7.53 24.03 6.18
C SER D 103 6.22 23.23 6.03
N GLN D 104 5.73 23.05 4.80
CA GLN D 104 4.55 22.22 4.50
C GLN D 104 4.84 20.79 4.01
N TYR D 105 6.11 20.46 3.83
CA TYR D 105 6.58 19.12 3.41
C TYR D 105 6.31 18.13 4.56
N ASN D 106 5.62 17.05 4.28
CA ASN D 106 5.47 15.96 5.20
C ASN D 106 6.06 14.71 4.55
N PRO D 107 7.25 14.26 4.98
CA PRO D 107 7.90 13.09 4.40
C PRO D 107 7.05 11.81 4.48
N LEU D 108 6.13 11.73 5.44
CA LEU D 108 5.26 10.58 5.60
C LEU D 108 4.27 10.45 4.48
N THR D 109 3.86 11.58 3.89
CA THR D 109 2.82 11.57 2.89
C THR D 109 3.27 12.07 1.53
N MET D 110 4.48 12.60 1.46
CA MET D 110 4.96 13.29 0.22
C MET D 110 6.38 12.79 -0.07
N GLU D 111 6.77 12.89 -1.34
CA GLU D 111 8.10 12.45 -1.79
C GLU D 111 8.76 13.57 -2.55
N GLU D 112 9.85 14.10 -1.97
CA GLU D 112 10.64 15.12 -2.64
C GLU D 112 11.21 14.56 -3.95
N VAL D 113 11.17 15.40 -5.02
CA VAL D 113 11.82 15.11 -6.27
C VAL D 113 12.72 16.28 -6.65
N SER D 114 13.71 16.00 -7.51
CA SER D 114 14.66 17.00 -7.94
C SER D 114 14.25 17.54 -9.32
N VAL D 115 13.87 18.81 -9.32
CA VAL D 115 13.62 19.60 -10.54
C VAL D 115 13.46 21.02 -10.06
N VAL D 116 13.79 22.00 -10.91
CA VAL D 116 13.59 23.40 -10.63
C VAL D 116 12.65 23.92 -11.70
N PRO D 117 11.41 24.30 -11.33
CA PRO D 117 10.44 24.79 -12.30
C PRO D 117 11.02 25.95 -13.11
N ASP D 118 10.83 25.91 -14.43
CA ASP D 118 11.26 26.94 -15.39
C ASP D 118 10.02 27.34 -16.21
N VAL D 119 10.06 28.54 -16.82
CA VAL D 119 8.92 29.00 -17.61
C VAL D 119 8.52 27.99 -18.68
N HIS D 120 9.52 27.40 -19.36
CA HIS D 120 9.27 26.41 -20.41
C HIS D 120 9.33 24.97 -19.95
N ALA D 121 9.35 24.74 -18.64
CA ALA D 121 9.34 23.38 -18.06
C ALA D 121 8.91 23.51 -16.63
N GLY D 122 7.60 23.69 -16.47
CA GLY D 122 6.98 23.95 -15.19
C GLY D 122 5.88 24.99 -15.27
N GLY D 123 6.10 26.03 -16.08
CA GLY D 123 5.14 27.09 -16.29
C GLY D 123 5.44 28.28 -15.42
N SER D 124 4.88 29.43 -15.81
CA SER D 124 5.22 30.70 -15.22
C SER D 124 4.90 30.79 -13.74
N LEU D 125 3.73 30.32 -13.32
CA LEU D 125 3.33 30.50 -11.93
C LEU D 125 4.19 29.62 -11.01
N ALA D 126 4.40 28.37 -11.38
CA ALA D 126 5.21 27.46 -10.54
C ALA D 126 6.65 28.00 -10.46
N THR D 127 7.13 28.55 -11.57
CA THR D 127 8.48 29.13 -11.62
C THR D 127 8.55 30.33 -10.70
N TYR D 128 7.56 31.22 -10.79
CA TYR D 128 7.50 32.44 -9.95
C TYR D 128 7.43 32.04 -8.47
N ALA D 129 6.55 31.09 -8.15
CA ALA D 129 6.37 30.63 -6.78
C ALA D 129 7.69 30.06 -6.21
N PHE D 130 8.34 29.18 -6.99
CA PHE D 130 9.61 28.61 -6.58
C PHE D 130 10.62 29.71 -6.24
N GLN D 131 10.72 30.73 -7.10
CA GLN D 131 11.69 31.79 -6.91
C GLN D 131 11.39 32.73 -5.77
N HIS D 132 10.13 32.80 -5.34
CA HIS D 132 9.74 33.76 -4.30
C HIS D 132 9.37 33.15 -2.94
N MET D 133 9.41 31.82 -2.85
CA MET D 133 9.29 31.11 -1.59
C MET D 133 10.55 31.23 -0.77
N LYS D 134 10.39 31.16 0.55
CA LYS D 134 11.50 31.20 1.50
C LYS D 134 12.39 29.97 1.33
N ASP D 135 11.76 28.78 1.28
CA ASP D 135 12.48 27.52 1.19
C ASP D 135 11.70 26.49 0.39
N PRO D 136 11.67 26.61 -0.95
CA PRO D 136 10.79 25.77 -1.78
C PRO D 136 11.29 24.31 -1.91
N ILE D 137 10.36 23.37 -2.00
CA ILE D 137 10.68 22.03 -2.45
CA ILE D 137 10.64 21.97 -2.32
C ILE D 137 9.60 21.55 -3.36
N VAL D 138 9.95 20.54 -4.17
CA VAL D 138 9.06 20.00 -5.18
C VAL D 138 8.75 18.54 -4.79
N VAL D 139 7.46 18.20 -4.79
CA VAL D 139 7.02 16.84 -4.47
C VAL D 139 6.32 16.22 -5.66
N GLU D 140 6.38 14.88 -5.74
CA GLU D 140 5.89 14.15 -6.91
C GLU D 140 4.36 14.16 -6.99
N HIS D 141 3.73 14.08 -5.82
CA HIS D 141 2.26 13.98 -5.68
C HIS D 141 1.86 14.70 -4.42
N ILE D 142 0.59 15.10 -4.33
CA ILE D 142 0.10 15.70 -3.12
C ILE D 142 -1.42 15.46 -3.06
N THR D 143 -1.93 15.43 -1.84
CA THR D 143 -3.36 15.38 -1.58
C THR D 143 -3.69 16.54 -0.67
N VAL D 144 -4.62 17.40 -1.12
CA VAL D 144 -4.98 18.59 -0.40
C VAL D 144 -6.51 18.74 -0.38
N PRO D 145 -7.06 19.49 0.57
CA PRO D 145 -8.51 19.58 0.73
C PRO D 145 -9.21 20.47 -0.29
N CYS D 146 -8.47 21.34 -0.97
CA CYS D 146 -9.11 22.26 -1.91
C CYS D 146 -8.14 22.78 -2.94
N GLY D 147 -8.67 23.38 -4.01
CA GLY D 147 -7.82 23.86 -5.08
C GLY D 147 -8.57 24.78 -6.02
N ILE D 148 -7.78 25.48 -6.83
CA ILE D 148 -8.27 26.43 -7.82
C ILE D 148 -7.50 26.17 -9.12
N ASP D 149 -8.24 25.93 -10.22
CA ASP D 149 -7.70 25.66 -11.51
C ASP D 149 -8.06 26.87 -12.43
N ILE D 150 -7.03 27.57 -12.91
CA ILE D 150 -7.19 28.70 -13.83
C ILE D 150 -6.68 28.23 -15.20
N GLY D 151 -7.61 28.01 -16.12
CA GLY D 151 -7.29 27.67 -17.50
C GLY D 151 -7.34 26.18 -17.80
N GLN D 152 -8.09 25.40 -17.03
CA GLN D 152 -8.39 24.01 -17.37
C GLN D 152 -7.14 23.12 -17.47
N THR D 153 -6.19 23.34 -16.55
CA THR D 153 -4.98 22.50 -16.46
C THR D 153 -5.30 21.13 -15.83
N LEU D 154 -6.43 21.07 -15.10
CA LEU D 154 -6.92 19.95 -14.29
C LEU D 154 -6.16 19.81 -12.97
N ILE D 155 -6.91 19.69 -11.87
CA ILE D 155 -6.34 19.58 -10.55
C ILE D 155 -6.94 18.47 -9.68
N GLY D 156 -7.88 17.71 -10.24
CA GLY D 156 -8.66 16.75 -9.48
C GLY D 156 -7.86 15.60 -8.89
N MET D 157 -6.74 15.27 -9.56
CA MET D 157 -5.81 14.25 -9.07
C MET D 157 -5.19 14.62 -7.74
N HIS D 158 -5.25 15.90 -7.37
CA HIS D 158 -4.68 16.39 -6.11
C HIS D 158 -5.62 16.61 -4.96
N ILE D 159 -6.91 16.50 -5.20
CA ILE D 159 -7.92 16.85 -4.22
C ILE D 159 -8.30 15.59 -3.42
N LYS D 160 -8.30 15.72 -2.11
CA LYS D 160 -8.77 14.68 -1.16
C LYS D 160 -10.13 14.16 -1.59
N HIS D 161 -10.26 12.83 -1.68
CA HIS D 161 -11.57 12.23 -1.96
C HIS D 161 -12.48 12.53 -0.78
N VAL D 162 -13.70 13.02 -0.99
CA VAL D 162 -14.39 13.18 -2.27
C VAL D 162 -14.29 14.65 -2.72
N CYS D 163 -13.89 14.84 -3.97
CA CYS D 163 -13.73 16.17 -4.56
C CYS D 163 -15.11 16.72 -4.94
N VAL D 164 -15.43 17.93 -4.49
CA VAL D 164 -16.72 18.60 -4.73
C VAL D 164 -16.45 19.95 -5.42
N PRO D 165 -16.96 20.16 -6.65
CA PRO D 165 -16.83 21.46 -7.31
C PRO D 165 -17.56 22.55 -6.52
N VAL D 166 -17.04 23.77 -6.54
CA VAL D 166 -17.65 24.92 -5.88
C VAL D 166 -18.11 25.87 -6.96
N ARG D 167 -19.41 26.18 -6.98
CA ARG D 167 -20.00 27.15 -7.93
C ARG D 167 -19.65 28.57 -7.48
N THR D 168 -19.17 29.40 -8.40
CA THR D 168 -18.88 30.79 -8.09
C THR D 168 -19.54 31.65 -9.15
N SER D 169 -19.82 32.91 -8.78
CA SER D 169 -20.38 33.86 -9.70
C SER D 169 -19.29 34.35 -10.69
N VAL D 170 -18.03 34.36 -10.24
CA VAL D 170 -16.87 34.61 -11.12
C VAL D 170 -16.48 33.34 -11.88
N LYS D 171 -16.64 33.37 -13.21
CA LYS D 171 -16.46 32.17 -14.04
C LYS D 171 -15.11 32.15 -14.79
N GLN D 172 -14.44 33.31 -14.85
CA GLN D 172 -13.21 33.46 -15.59
C GLN D 172 -12.25 34.38 -14.86
N VAL D 173 -10.95 34.15 -15.10
CA VAL D 173 -9.92 35.06 -14.70
C VAL D 173 -9.23 35.48 -15.99
N GLY D 174 -9.45 36.74 -16.38
CA GLY D 174 -9.15 37.19 -17.74
C GLY D 174 -9.96 36.34 -18.70
N GLN D 175 -9.27 35.70 -19.66
CA GLN D 175 -9.88 34.80 -20.62
C GLN D 175 -9.88 33.33 -20.23
N ALA D 176 -9.40 33.01 -19.03
CA ALA D 176 -9.25 31.62 -18.57
C ALA D 176 -10.45 31.16 -17.77
N ILE D 177 -11.02 30.02 -18.16
CA ILE D 177 -12.07 29.35 -17.39
C ILE D 177 -11.49 28.97 -16.02
N VAL D 178 -12.22 29.26 -14.94
CA VAL D 178 -11.76 28.92 -13.62
C VAL D 178 -12.67 27.86 -12.99
N THR D 179 -12.06 26.85 -12.37
CA THR D 179 -12.72 25.73 -11.67
C THR D 179 -12.21 25.70 -10.23
N ILE D 180 -13.12 25.52 -9.27
CA ILE D 180 -12.83 25.55 -7.86
C ILE D 180 -13.30 24.22 -7.27
N ALA D 181 -12.45 23.59 -6.46
CA ALA D 181 -12.77 22.32 -5.82
C ALA D 181 -12.51 22.36 -4.34
N THR D 182 -13.45 21.80 -3.58
CA THR D 182 -13.27 21.54 -2.17
C THR D 182 -13.41 20.03 -2.00
N SER D 183 -13.45 19.59 -0.75
CA SER D 183 -13.55 18.16 -0.47
C SER D 183 -14.40 17.93 0.75
N ARG D 184 -14.91 16.71 0.83
CA ARG D 184 -15.72 16.25 1.99
C ARG D 184 -15.61 14.73 2.10
N PRO D 185 -15.84 14.16 3.29
CA PRO D 185 -15.75 12.72 3.44
C PRO D 185 -16.73 11.91 2.58
N LYS D 186 -16.35 10.68 2.24
CA LYS D 186 -17.26 9.72 1.63
C LYS D 186 -18.49 9.55 2.55
N LYS D 187 -19.66 9.53 1.94
CA LYS D 187 -20.90 9.25 2.70
C LYS D 187 -21.09 7.74 2.64
N ILE D 188 -21.23 7.10 3.80
CA ILE D 188 -21.33 5.61 3.83
C ILE D 188 -22.62 5.19 4.53
N GLY D 189 -23.03 3.96 4.32
CA GLY D 189 -24.24 3.45 4.98
C GLY D 189 -25.30 3.10 3.97
N GLY D 190 -26.17 2.15 4.30
CA GLY D 190 -27.23 1.72 3.38
C GLY D 190 -28.47 2.58 3.45
N GLU D 191 -29.61 2.04 3.01
CA GLU D 191 -30.88 2.81 2.93
C GLU D 191 -31.32 3.37 4.29
N ARG D 192 -30.99 2.69 5.40
CA ARG D 192 -31.51 3.14 6.73
C ARG D 192 -30.52 4.10 7.41
N ALA D 193 -29.37 4.35 6.80
CA ALA D 193 -28.33 5.17 7.48
C ALA D 193 -28.77 6.62 7.67
N LYS D 194 -28.27 7.27 8.71
CA LYS D 194 -28.60 8.70 8.97
C LYS D 194 -27.35 9.55 8.75
N TYR D 195 -27.54 10.84 8.46
CA TYR D 195 -26.41 11.77 8.17
C TYR D 195 -26.49 13.03 9.03
N GLN D 196 -27.56 13.16 9.84
CA GLN D 196 -27.69 14.19 10.88
C GLN D 196 -28.12 13.56 12.22
N ALA E 21 -27.82 21.59 -31.43
CA ALA E 21 -27.38 21.76 -30.03
C ALA E 21 -26.34 20.70 -29.67
N GLY E 22 -26.58 20.03 -28.53
CA GLY E 22 -25.67 19.07 -27.94
C GLY E 22 -25.40 17.85 -28.79
N PHE E 23 -26.39 17.41 -29.56
CA PHE E 23 -26.21 16.20 -30.36
C PHE E 23 -25.17 16.46 -31.48
N LYS E 24 -25.35 17.58 -32.18
CA LYS E 24 -24.43 17.92 -33.26
C LYS E 24 -23.00 18.10 -32.72
N ASP E 25 -22.85 18.85 -31.63
CA ASP E 25 -21.57 19.13 -31.03
C ASP E 25 -20.89 17.81 -30.57
N LEU E 26 -21.67 16.95 -29.89
CA LEU E 26 -21.14 15.68 -29.42
C LEU E 26 -20.69 14.77 -30.55
N THR E 27 -21.51 14.65 -31.60
CA THR E 27 -21.19 13.84 -32.75
C THR E 27 -19.86 14.32 -33.38
N MET E 28 -19.71 15.64 -33.53
CA MET E 28 -18.49 16.21 -34.10
C MET E 28 -17.27 15.99 -33.23
N LEU E 29 -17.44 16.12 -31.90
CA LEU E 29 -16.38 15.92 -30.94
C LEU E 29 -15.90 14.48 -30.99
N LEU E 30 -16.84 13.53 -31.00
CA LEU E 30 -16.50 12.11 -31.04
C LEU E 30 -15.78 11.72 -32.34
N ASP E 31 -16.23 12.28 -33.47
CA ASP E 31 -15.58 12.00 -34.76
C ASP E 31 -14.15 12.54 -34.81
N GLU E 32 -13.96 13.73 -34.24
CA GLU E 32 -12.67 14.36 -34.12
C GLU E 32 -11.72 13.48 -33.29
N LEU E 33 -12.20 13.07 -32.12
CA LEU E 33 -11.41 12.21 -31.22
C LEU E 33 -11.04 10.89 -31.88
N LYS E 34 -11.98 10.28 -32.60
CA LYS E 34 -11.72 9.05 -33.32
C LYS E 34 -10.58 9.24 -34.28
N ASP E 35 -10.66 10.33 -35.07
CA ASP E 35 -9.67 10.67 -36.07
C ASP E 35 -8.29 10.96 -35.53
N MET E 36 -8.19 11.39 -34.26
CA MET E 36 -6.87 11.57 -33.64
C MET E 36 -6.42 10.38 -32.79
N SER E 37 -7.02 9.22 -33.01
CA SER E 37 -6.71 7.96 -32.28
C SER E 37 -6.77 8.10 -30.77
N PHE E 38 -7.74 8.89 -30.29
CA PHE E 38 -7.93 9.06 -28.87
C PHE E 38 -8.50 7.79 -28.19
N PHE E 39 -9.25 7.01 -28.96
CA PHE E 39 -9.96 5.83 -28.47
C PHE E 39 -9.19 4.59 -28.94
N ASN E 40 -8.62 3.85 -27.99
CA ASN E 40 -7.79 2.69 -28.32
C ASN E 40 -8.43 1.39 -27.89
N LYS E 41 -8.33 0.36 -28.74
CA LYS E 41 -8.91 -0.94 -28.45
C LYS E 41 -8.41 -1.40 -27.09
N GLY E 42 -9.35 -1.83 -26.24
CA GLY E 42 -9.06 -2.36 -24.93
C GLY E 42 -8.93 -1.35 -23.80
N ASP E 43 -8.86 -0.05 -24.12
CA ASP E 43 -8.80 0.99 -23.10
C ASP E 43 -10.17 1.20 -22.51
N ILE E 44 -10.20 1.68 -21.27
CA ILE E 44 -11.42 2.27 -20.67
C ILE E 44 -11.31 3.78 -20.72
N CYS E 45 -12.39 4.44 -21.14
CA CYS E 45 -12.51 5.88 -21.15
C CYS E 45 -13.60 6.28 -20.14
N LEU E 46 -13.22 7.14 -19.19
CA LEU E 46 -14.14 7.63 -18.17
C LEU E 46 -14.90 8.84 -18.67
N ILE E 47 -16.22 8.78 -18.50
CA ILE E 47 -17.12 9.89 -18.79
C ILE E 47 -17.64 10.53 -17.52
N GLY E 48 -17.41 11.85 -17.42
CA GLY E 48 -17.94 12.72 -16.40
C GLY E 48 -18.95 13.58 -17.13
N CYS E 49 -20.19 13.61 -16.65
CA CYS E 49 -21.20 14.39 -17.35
C CYS E 49 -22.17 15.04 -16.39
N SER E 50 -22.58 16.27 -16.78
CA SER E 50 -23.70 16.98 -16.20
C SER E 50 -24.60 17.40 -17.35
N THR E 51 -25.73 16.69 -17.50
CA THR E 51 -26.67 16.92 -18.58
C THR E 51 -27.33 18.29 -18.44
N SER E 52 -27.47 18.78 -17.21
CA SER E 52 -28.04 20.09 -16.99
C SER E 52 -27.12 21.17 -17.57
N GLU E 53 -25.80 20.97 -17.51
CA GLU E 53 -24.87 21.92 -18.12
C GLU E 53 -25.03 21.96 -19.64
N VAL E 54 -25.31 20.80 -20.25
CA VAL E 54 -25.49 20.72 -21.70
C VAL E 54 -26.65 21.61 -22.15
N ILE E 55 -27.73 21.56 -21.36
CA ILE E 55 -28.93 22.36 -21.65
C ILE E 55 -28.78 23.79 -21.16
N GLY E 56 -28.13 23.96 -20.00
CA GLY E 56 -27.84 25.28 -19.44
C GLY E 56 -28.78 25.69 -18.31
N GLY E 60 -35.30 19.22 -15.36
CA GLY E 60 -36.20 18.14 -15.01
C GLY E 60 -35.68 16.78 -15.43
N THR E 61 -36.15 15.71 -14.75
CA THR E 61 -35.63 14.36 -14.95
C THR E 61 -35.96 13.75 -16.33
N VAL E 62 -37.15 14.05 -16.86
CA VAL E 62 -37.50 13.63 -18.21
C VAL E 62 -36.46 14.11 -19.25
N GLY E 63 -36.24 15.42 -19.27
CA GLY E 63 -35.33 16.08 -20.21
C GLY E 63 -33.89 15.64 -20.02
N SER E 64 -33.46 15.60 -18.76
CA SER E 64 -32.10 15.21 -18.43
C SER E 64 -31.85 13.76 -18.85
N MET E 65 -32.85 12.88 -18.67
CA MET E 65 -32.70 11.48 -19.07
C MET E 65 -32.67 11.33 -20.60
N GLU E 66 -33.37 12.20 -21.33
CA GLU E 66 -33.29 12.21 -22.79
C GLU E 66 -31.90 12.59 -23.29
N VAL E 67 -31.28 13.59 -22.67
CA VAL E 67 -29.90 13.95 -22.98
C VAL E 67 -28.96 12.78 -22.67
N ALA E 68 -29.16 12.15 -21.49
CA ALA E 68 -28.34 11.02 -21.10
C ALA E 68 -28.42 9.91 -22.14
N GLU E 69 -29.63 9.61 -22.60
CA GLU E 69 -29.85 8.60 -23.64
C GLU E 69 -29.05 8.86 -24.91
N THR E 70 -29.10 10.11 -25.38
CA THR E 70 -28.41 10.48 -26.60
C THR E 70 -26.89 10.31 -26.45
N ILE E 71 -26.35 10.74 -25.30
CA ILE E 71 -24.92 10.62 -25.02
C ILE E 71 -24.54 9.16 -24.92
N PHE E 72 -25.30 8.37 -24.15
CA PHE E 72 -25.00 6.96 -23.98
C PHE E 72 -24.96 6.23 -25.32
N ASN E 73 -25.94 6.50 -26.17
CA ASN E 73 -26.06 5.85 -27.47
C ASN E 73 -24.93 6.22 -28.44
N ALA E 74 -24.55 7.50 -28.44
CA ALA E 74 -23.41 7.97 -29.26
C ALA E 74 -22.09 7.32 -28.82
N LEU E 75 -21.89 7.19 -27.50
CA LEU E 75 -20.69 6.57 -26.96
C LEU E 75 -20.66 5.10 -27.33
N ASP E 76 -21.84 4.45 -27.31
CA ASP E 76 -21.89 3.05 -27.66
C ASP E 76 -21.45 2.77 -29.13
N VAL E 77 -21.82 3.68 -30.04
CA VAL E 77 -21.38 3.57 -31.42
C VAL E 77 -19.85 3.59 -31.50
N VAL E 78 -19.24 4.53 -30.76
CA VAL E 78 -17.79 4.70 -30.73
C VAL E 78 -17.13 3.42 -30.21
N SER E 79 -17.75 2.85 -29.18
CA SER E 79 -17.26 1.65 -28.56
C SER E 79 -17.15 0.49 -29.58
N LYS E 80 -18.18 0.32 -30.40
CA LYS E 80 -18.21 -0.73 -31.40
C LYS E 80 -17.23 -0.50 -32.55
N GLU E 81 -16.97 0.77 -32.86
CA GLU E 81 -16.07 1.17 -33.93
C GLU E 81 -14.59 1.07 -33.54
N THR E 82 -14.29 1.38 -32.28
CA THR E 82 -12.90 1.49 -31.80
C THR E 82 -12.44 0.41 -30.83
N GLY E 83 -13.40 -0.29 -30.20
CA GLY E 83 -13.11 -1.27 -29.17
C GLY E 83 -12.74 -0.69 -27.81
N VAL E 84 -12.95 0.61 -27.63
CA VAL E 84 -12.83 1.25 -26.32
C VAL E 84 -14.11 0.92 -25.55
N THR E 85 -14.03 0.91 -24.21
CA THR E 85 -15.22 0.77 -23.37
C THR E 85 -15.31 1.97 -22.47
N PHE E 86 -16.51 2.27 -21.98
CA PHE E 86 -16.78 3.47 -21.21
C PHE E 86 -17.18 3.17 -19.80
N ALA E 87 -16.72 4.03 -18.87
CA ALA E 87 -17.05 3.97 -17.44
C ALA E 87 -17.69 5.31 -17.12
N PHE E 88 -18.73 5.29 -16.28
CA PHE E 88 -19.52 6.47 -16.03
C PHE E 88 -19.44 6.92 -14.58
N GLN E 89 -18.84 8.10 -14.36
CA GLN E 89 -18.72 8.68 -13.05
C GLN E 89 -20.05 9.13 -12.50
N GLY E 90 -20.33 8.80 -11.25
CA GLY E 90 -21.54 9.28 -10.59
C GLY E 90 -21.21 10.59 -9.90
N CYS E 91 -22.22 11.29 -9.43
CA CYS E 91 -22.03 12.55 -8.76
C CYS E 91 -21.50 12.37 -7.34
N GLU E 92 -21.25 13.50 -6.67
CA GLU E 92 -20.61 13.50 -5.36
C GLU E 92 -21.49 12.85 -4.27
N HIS E 93 -22.83 12.84 -4.44
CA HIS E 93 -23.72 12.23 -3.47
C HIS E 93 -23.46 10.73 -3.30
N ILE E 94 -23.00 10.07 -4.38
CA ILE E 94 -22.50 8.70 -4.33
C ILE E 94 -20.98 8.64 -4.44
N ASN E 95 -20.30 9.64 -3.89
CA ASN E 95 -18.84 9.68 -3.76
C ASN E 95 -18.05 9.53 -5.06
N ARG E 96 -18.63 9.97 -6.18
CA ARG E 96 -18.04 9.81 -7.53
C ARG E 96 -17.78 8.33 -7.84
N ALA E 97 -18.54 7.41 -7.27
CA ALA E 97 -18.40 6.01 -7.60
C ALA E 97 -18.72 5.82 -9.07
N ILE E 98 -18.14 4.79 -9.68
CA ILE E 98 -18.09 4.64 -11.11
C ILE E 98 -18.83 3.41 -11.56
N THR E 99 -19.74 3.60 -12.51
CA THR E 99 -20.49 2.51 -13.12
C THR E 99 -19.79 1.94 -14.35
N ILE E 100 -19.56 0.61 -14.33
CA ILE E 100 -18.95 -0.12 -15.43
C ILE E 100 -19.65 -1.44 -15.67
N GLU E 101 -19.43 -2.03 -16.84
CA GLU E 101 -19.87 -3.40 -17.11
C GLU E 101 -19.02 -4.35 -16.25
N LYS E 102 -19.65 -5.40 -15.73
CA LYS E 102 -18.93 -6.41 -14.96
C LYS E 102 -17.76 -7.03 -15.73
N SER E 103 -17.93 -7.23 -17.03
CA SER E 103 -16.85 -7.73 -17.88
C SER E 103 -15.57 -6.86 -17.80
N GLN E 104 -15.68 -5.59 -17.38
CA GLN E 104 -14.54 -4.71 -17.18
C GLN E 104 -14.05 -4.56 -15.74
N TYR E 105 -14.74 -5.22 -14.81
CA TYR E 105 -14.34 -5.26 -13.38
C TYR E 105 -13.04 -6.05 -13.24
N ASN E 106 -12.05 -5.46 -12.61
CA ASN E 106 -10.84 -6.18 -12.25
C ASN E 106 -10.70 -6.09 -10.74
N PRO E 107 -10.96 -7.20 -10.01
CA PRO E 107 -10.88 -7.22 -8.56
C PRO E 107 -9.50 -6.83 -8.01
N LEU E 108 -8.45 -7.02 -8.83
CA LEU E 108 -7.09 -6.69 -8.41
C LEU E 108 -6.89 -5.21 -8.28
N THR E 109 -7.61 -4.41 -9.07
CA THR E 109 -7.39 -2.98 -9.09
C THR E 109 -8.63 -2.18 -8.68
N MET E 110 -9.75 -2.85 -8.48
CA MET E 110 -11.04 -2.15 -8.28
C MET E 110 -11.76 -2.81 -7.10
N GLU E 111 -12.66 -2.06 -6.47
CA GLU E 111 -13.46 -2.56 -5.35
C GLU E 111 -14.93 -2.25 -5.63
N GLU E 112 -15.71 -3.31 -5.81
CA GLU E 112 -17.15 -3.19 -5.97
C GLU E 112 -17.77 -2.58 -4.72
N VAL E 113 -18.72 -1.66 -4.89
CA VAL E 113 -19.50 -1.09 -3.82
C VAL E 113 -20.99 -1.22 -4.17
N SER E 114 -21.84 -1.19 -3.15
CA SER E 114 -23.28 -1.34 -3.31
C SER E 114 -23.93 0.04 -3.29
N VAL E 115 -24.48 0.39 -4.46
CA VAL E 115 -25.34 1.55 -4.65
C VAL E 115 -25.92 1.40 -6.04
N VAL E 116 -27.12 1.93 -6.26
CA VAL E 116 -27.77 1.93 -7.57
C VAL E 116 -27.96 3.39 -7.97
N PRO E 117 -27.22 3.86 -9.00
CA PRO E 117 -27.29 5.25 -9.42
C PRO E 117 -28.76 5.64 -9.71
N ASP E 118 -29.14 6.81 -9.22
CA ASP E 118 -30.46 7.41 -9.42
C ASP E 118 -30.24 8.83 -9.94
N VAL E 119 -31.25 9.39 -10.59
CA VAL E 119 -31.13 10.73 -11.15
C VAL E 119 -30.70 11.74 -10.10
N HIS E 120 -31.25 11.65 -8.89
CA HIS E 120 -30.91 12.59 -7.81
C HIS E 120 -29.80 12.10 -6.87
N ALA E 121 -29.16 10.98 -7.23
CA ALA E 121 -28.10 10.41 -6.43
C ALA E 121 -27.27 9.51 -7.33
N GLY E 122 -26.47 10.16 -8.17
CA GLY E 122 -25.69 9.54 -9.23
C GLY E 122 -25.66 10.39 -10.48
N GLY E 123 -26.80 10.97 -10.83
CA GLY E 123 -26.96 11.82 -12.01
C GLY E 123 -27.51 11.03 -13.17
N SER E 124 -27.97 11.75 -14.19
CA SER E 124 -28.73 11.17 -15.26
C SER E 124 -27.96 10.13 -16.07
N LEU E 125 -26.72 10.46 -16.43
CA LEU E 125 -25.99 9.58 -17.35
C LEU E 125 -25.59 8.28 -16.65
N ALA E 126 -25.11 8.38 -15.41
CA ALA E 126 -24.73 7.17 -14.66
C ALA E 126 -25.96 6.29 -14.44
N THR E 127 -27.10 6.93 -14.19
CA THR E 127 -28.36 6.22 -13.96
C THR E 127 -28.77 5.51 -15.24
N TYR E 128 -28.72 6.22 -16.37
CA TYR E 128 -29.09 5.66 -17.68
C TYR E 128 -28.16 4.49 -18.01
N ALA E 129 -26.85 4.69 -17.83
CA ALA E 129 -25.86 3.67 -18.13
C ALA E 129 -26.13 2.40 -17.30
N PHE E 130 -26.34 2.58 -15.99
CA PHE E 130 -26.63 1.45 -15.11
C PHE E 130 -27.83 0.65 -15.62
N GLN E 131 -28.90 1.35 -16.01
CA GLN E 131 -30.13 0.70 -16.44
C GLN E 131 -30.03 0.00 -17.79
N HIS E 132 -29.06 0.40 -18.63
CA HIS E 132 -28.95 -0.14 -19.97
C HIS E 132 -27.75 -1.03 -20.25
N MET E 133 -26.90 -1.20 -19.24
CA MET E 133 -25.80 -2.17 -19.32
C MET E 133 -26.33 -3.60 -19.17
N LYS E 134 -25.58 -4.55 -19.74
CA LYS E 134 -25.91 -5.96 -19.65
C LYS E 134 -25.79 -6.45 -18.21
N ASP E 135 -24.67 -6.10 -17.56
CA ASP E 135 -24.41 -6.55 -16.19
C ASP E 135 -23.61 -5.49 -15.42
N PRO E 136 -24.26 -4.40 -14.98
CA PRO E 136 -23.55 -3.26 -14.41
C PRO E 136 -23.04 -3.53 -12.98
N ILE E 137 -21.90 -2.96 -12.63
CA ILE E 137 -21.48 -2.87 -11.24
C ILE E 137 -20.89 -1.53 -11.00
N VAL E 138 -20.80 -1.16 -9.73
CA VAL E 138 -20.30 0.15 -9.33
C VAL E 138 -19.03 -0.08 -8.53
N VAL E 139 -17.96 0.65 -8.86
CA VAL E 139 -16.68 0.58 -8.15
C VAL E 139 -16.38 1.90 -7.48
N GLU E 140 -15.61 1.85 -6.40
CA GLU E 140 -15.36 3.01 -5.56
C GLU E 140 -14.42 4.03 -6.23
N HIS E 141 -13.44 3.48 -6.96
CA HIS E 141 -12.37 4.25 -7.59
C HIS E 141 -11.98 3.53 -8.88
N ILE E 142 -11.37 4.27 -9.81
CA ILE E 142 -10.88 3.64 -10.99
C ILE E 142 -9.72 4.48 -11.53
N THR E 143 -8.81 3.83 -12.25
CA THR E 143 -7.74 4.52 -12.97
C THR E 143 -7.80 4.08 -14.40
N VAL E 144 -7.96 5.06 -15.30
CA VAL E 144 -8.13 4.80 -16.69
C VAL E 144 -7.22 5.73 -17.51
N PRO E 145 -6.88 5.34 -18.73
CA PRO E 145 -5.90 6.10 -19.53
C PRO E 145 -6.46 7.39 -20.17
N CYS E 146 -7.79 7.54 -20.22
CA CYS E 146 -8.36 8.72 -20.85
C CYS E 146 -9.79 8.97 -20.39
N GLY E 147 -10.28 10.17 -20.66
CA GLY E 147 -11.62 10.53 -20.22
C GLY E 147 -12.12 11.80 -20.88
N ILE E 148 -13.42 12.00 -20.75
CA ILE E 148 -14.15 13.14 -21.30
C ILE E 148 -15.04 13.71 -20.20
N ASP E 149 -14.85 14.99 -19.88
CA ASP E 149 -15.61 15.69 -18.88
C ASP E 149 -16.53 16.71 -19.60
N ILE E 150 -17.85 16.53 -19.47
CA ILE E 150 -18.84 17.44 -20.05
C ILE E 150 -19.47 18.20 -18.91
N GLY E 151 -19.13 19.50 -18.81
CA GLY E 151 -19.71 20.41 -17.84
C GLY E 151 -18.93 20.53 -16.53
N GLN E 152 -17.61 20.31 -16.58
CA GLN E 152 -16.72 20.66 -15.48
C GLN E 152 -17.05 19.91 -14.15
N THR E 153 -17.39 18.64 -14.27
CA THR E 153 -17.64 17.79 -13.10
C THR E 153 -16.31 17.38 -12.42
N LEU E 154 -15.21 17.49 -13.17
CA LEU E 154 -13.85 17.05 -12.84
C LEU E 154 -13.67 15.55 -12.96
N ILE E 155 -12.61 15.13 -13.68
CA ILE E 155 -12.35 13.73 -13.89
C ILE E 155 -10.89 13.30 -13.64
N GLY E 156 -10.05 14.26 -13.25
CA GLY E 156 -8.60 14.07 -13.17
C GLY E 156 -8.17 13.07 -12.15
N MET E 157 -8.97 12.87 -11.11
CA MET E 157 -8.74 11.87 -10.07
C MET E 157 -8.79 10.46 -10.64
N HIS E 158 -9.38 10.28 -11.80
CA HIS E 158 -9.50 8.98 -12.45
C HIS E 158 -8.51 8.65 -13.54
N ILE E 159 -7.72 9.63 -13.95
CA ILE E 159 -6.86 9.51 -15.10
C ILE E 159 -5.45 9.03 -14.61
N LYS E 160 -4.95 8.00 -15.26
CA LYS E 160 -3.58 7.50 -15.08
C LYS E 160 -2.57 8.64 -15.11
N HIS E 161 -1.71 8.71 -14.09
CA HIS E 161 -0.61 9.67 -14.08
C HIS E 161 0.34 9.33 -15.23
N VAL E 162 0.71 10.32 -16.07
CA VAL E 162 0.47 11.73 -15.94
C VAL E 162 -0.69 12.13 -16.88
N CYS E 163 -1.64 12.86 -16.33
CA CYS E 163 -2.84 13.29 -17.07
C CYS E 163 -2.48 14.48 -17.95
N VAL E 164 -2.82 14.40 -19.25
CA VAL E 164 -2.51 15.43 -20.25
C VAL E 164 -3.82 15.86 -20.94
N PRO E 165 -4.21 17.14 -20.83
CA PRO E 165 -5.36 17.66 -21.60
C PRO E 165 -5.15 17.54 -23.11
N VAL E 166 -6.22 17.26 -23.85
CA VAL E 166 -6.19 17.13 -25.30
C VAL E 166 -6.95 18.32 -25.89
N ARG E 167 -6.28 19.06 -26.79
CA ARG E 167 -6.88 20.22 -27.50
C ARG E 167 -7.84 19.70 -28.57
N THR E 168 -9.07 20.23 -28.62
CA THR E 168 -10.01 19.81 -29.64
C THR E 168 -10.55 21.07 -30.33
N SER E 169 -11.02 20.90 -31.55
CA SER E 169 -11.63 21.97 -32.30
C SER E 169 -13.03 22.27 -31.72
N VAL E 170 -13.72 21.22 -31.27
CA VAL E 170 -15.06 21.36 -30.64
C VAL E 170 -14.86 21.53 -29.14
N LYS E 171 -15.18 22.73 -28.61
CA LYS E 171 -14.86 23.07 -27.22
C LYS E 171 -16.06 22.98 -26.23
N GLN E 172 -17.25 22.75 -26.77
CA GLN E 172 -18.49 22.71 -25.97
C GLN E 172 -19.43 21.65 -26.52
N VAL E 173 -20.27 21.11 -25.64
CA VAL E 173 -21.35 20.27 -26.05
C VAL E 173 -22.61 20.98 -25.51
N GLY E 174 -23.40 21.56 -26.43
CA GLY E 174 -24.44 22.47 -26.06
C GLY E 174 -23.83 23.64 -25.32
N GLN E 175 -24.32 23.88 -24.09
CA GLN E 175 -23.81 24.96 -23.25
C GLN E 175 -22.73 24.50 -22.25
N ALA E 176 -22.31 23.22 -22.32
CA ALA E 176 -21.35 22.67 -21.39
C ALA E 176 -19.93 22.75 -21.97
N ILE E 177 -19.00 23.29 -21.19
CA ILE E 177 -17.58 23.25 -21.52
C ILE E 177 -17.16 21.78 -21.48
N VAL E 178 -16.36 21.37 -22.47
CA VAL E 178 -15.84 20.01 -22.47
C VAL E 178 -14.33 20.01 -22.24
N THR E 179 -13.86 19.08 -21.40
CA THR E 179 -12.43 18.81 -21.15
C THR E 179 -12.14 17.38 -21.57
N ILE E 180 -11.05 17.21 -22.35
CA ILE E 180 -10.63 15.88 -22.80
C ILE E 180 -9.24 15.61 -22.20
N ALA E 181 -9.09 14.42 -21.61
CA ALA E 181 -7.80 14.02 -20.99
C ALA E 181 -7.33 12.72 -21.55
N THR E 182 -6.01 12.65 -21.80
CA THR E 182 -5.36 11.42 -22.08
C THR E 182 -4.24 11.29 -21.01
N SER E 183 -3.38 10.31 -21.20
CA SER E 183 -2.32 10.06 -20.23
C SER E 183 -1.05 9.63 -20.94
N ARG E 184 0.06 9.80 -20.24
CA ARG E 184 1.39 9.44 -20.75
C ARG E 184 2.31 9.18 -19.57
N PRO E 185 3.39 8.39 -19.76
CA PRO E 185 4.28 8.10 -18.65
C PRO E 185 4.98 9.35 -18.08
N LYS E 186 5.38 9.28 -16.80
CA LYS E 186 6.27 10.23 -16.18
C LYS E 186 7.57 10.27 -17.00
N LYS E 187 8.08 11.48 -17.21
CA LYS E 187 9.43 11.67 -17.74
C LYS E 187 10.37 11.72 -16.59
N ILE E 188 11.45 10.93 -16.67
CA ILE E 188 12.40 10.87 -15.58
C ILE E 188 13.82 11.05 -16.10
N GLY E 189 14.73 11.40 -15.18
CA GLY E 189 16.13 11.52 -15.46
C GLY E 189 16.59 12.95 -15.30
N GLY E 190 17.90 13.11 -15.15
CA GLY E 190 18.47 14.45 -14.92
C GLY E 190 18.84 15.20 -16.18
N GLU E 191 19.73 16.19 -16.06
CA GLU E 191 20.09 17.08 -17.20
C GLU E 191 20.67 16.33 -18.40
N ARG E 192 21.33 15.19 -18.19
CA ARG E 192 21.99 14.50 -19.33
C ARG E 192 21.05 13.46 -19.97
N ALA E 193 19.85 13.29 -19.42
CA ALA E 193 18.96 12.26 -19.95
C ALA E 193 18.44 12.58 -21.35
N LYS E 194 18.21 11.51 -22.13
CA LYS E 194 17.71 11.57 -23.49
C LYS E 194 16.31 10.99 -23.54
N TYR E 195 15.48 11.44 -24.48
CA TYR E 195 14.05 11.04 -24.61
C TYR E 195 13.74 10.53 -26.02
N GLN E 196 14.75 10.48 -26.90
CA GLN E 196 14.71 9.78 -28.19
C GLN E 196 15.92 8.84 -28.33
N TYR F 18 38.29 -15.09 -26.40
CA TYR F 18 38.54 -15.04 -24.93
C TYR F 18 39.20 -13.70 -24.55
N LYS F 19 39.90 -13.04 -25.49
CA LYS F 19 40.66 -11.83 -25.21
C LYS F 19 39.78 -10.59 -25.03
N LYS F 20 38.58 -10.62 -25.64
CA LYS F 20 37.61 -9.55 -25.46
C LYS F 20 37.31 -9.40 -23.98
N ALA F 21 37.38 -8.17 -23.49
CA ALA F 21 37.37 -7.88 -22.06
C ALA F 21 36.14 -8.48 -21.37
N GLY F 22 36.39 -9.28 -20.32
CA GLY F 22 35.36 -9.87 -19.50
C GLY F 22 34.78 -11.16 -20.01
N PHE F 23 35.05 -11.51 -21.28
CA PHE F 23 34.27 -12.54 -21.95
C PHE F 23 34.48 -13.90 -21.29
N LYS F 24 35.74 -14.26 -21.08
CA LYS F 24 36.05 -15.56 -20.49
C LYS F 24 35.48 -15.69 -19.08
N ASP F 25 35.66 -14.65 -18.27
CA ASP F 25 35.16 -14.64 -16.88
C ASP F 25 33.63 -14.75 -16.88
N LEU F 26 32.98 -13.95 -17.74
CA LEU F 26 31.51 -13.97 -17.81
C LEU F 26 30.97 -15.34 -18.25
N THR F 27 31.58 -15.91 -19.29
CA THR F 27 31.18 -17.22 -19.78
C THR F 27 31.30 -18.28 -18.68
N MET F 28 32.41 -18.26 -17.93
CA MET F 28 32.58 -19.18 -16.80
C MET F 28 31.55 -18.98 -15.69
N LEU F 29 31.25 -17.72 -15.38
CA LEU F 29 30.27 -17.36 -14.38
C LEU F 29 28.89 -17.87 -14.77
N LEU F 30 28.51 -17.65 -16.04
CA LEU F 30 27.20 -18.07 -16.54
C LEU F 30 27.08 -19.61 -16.54
N ASP F 31 28.14 -20.32 -16.91
CA ASP F 31 28.15 -21.79 -16.89
C ASP F 31 28.01 -22.36 -15.49
N GLU F 32 28.69 -21.71 -14.54
CA GLU F 32 28.57 -22.04 -13.12
C GLU F 32 27.13 -21.88 -12.63
N LEU F 33 26.55 -20.72 -12.93
CA LEU F 33 25.18 -20.43 -12.54
C LEU F 33 24.19 -21.41 -13.16
N LYS F 34 24.36 -21.72 -14.45
CA LYS F 34 23.54 -22.73 -15.12
C LYS F 34 23.57 -24.04 -14.37
N ASP F 35 24.79 -24.49 -14.03
CA ASP F 35 24.99 -25.74 -13.30
C ASP F 35 24.37 -25.79 -11.92
N MET F 36 24.17 -24.64 -11.27
CA MET F 36 23.48 -24.60 -9.99
C MET F 36 21.99 -24.22 -10.10
N SER F 37 21.41 -24.38 -11.31
CA SER F 37 20.00 -24.08 -11.61
C SER F 37 19.56 -22.68 -11.22
N PHE F 38 20.44 -21.71 -11.40
CA PHE F 38 20.15 -20.33 -11.04
C PHE F 38 19.16 -19.67 -12.00
N PHE F 39 19.15 -20.12 -13.26
CA PHE F 39 18.32 -19.52 -14.33
C PHE F 39 17.12 -20.41 -14.58
N ASN F 40 15.91 -19.92 -14.26
CA ASN F 40 14.69 -20.71 -14.39
C ASN F 40 13.79 -20.18 -15.46
N LYS F 41 13.17 -21.08 -16.24
CA LYS F 41 12.25 -20.69 -17.30
C LYS F 41 11.19 -19.78 -16.70
N GLY F 42 10.97 -18.64 -17.37
CA GLY F 42 9.96 -17.69 -16.97
C GLY F 42 10.34 -16.67 -15.90
N ASP F 43 11.49 -16.86 -15.24
CA ASP F 43 11.97 -15.87 -14.28
C ASP F 43 12.54 -14.68 -15.06
N ILE F 44 12.53 -13.50 -14.41
CA ILE F 44 13.35 -12.37 -14.80
C ILE F 44 14.58 -12.28 -13.88
N CYS F 45 15.76 -12.09 -14.49
CA CYS F 45 17.00 -11.86 -13.80
C CYS F 45 17.48 -10.44 -14.09
N LEU F 46 17.69 -9.64 -13.04
CA LEU F 46 18.12 -8.27 -13.15
C LEU F 46 19.64 -8.21 -13.24
N ILE F 47 20.12 -7.46 -14.24
CA ILE F 47 21.54 -7.17 -14.42
C ILE F 47 21.84 -5.73 -14.06
N GLY F 48 22.80 -5.56 -13.15
CA GLY F 48 23.40 -4.29 -12.78
C GLY F 48 24.81 -4.36 -13.33
N CYS F 49 25.18 -3.36 -14.13
CA CYS F 49 26.51 -3.38 -14.71
C CYS F 49 27.13 -2.02 -14.81
N SER F 50 28.45 -2.00 -14.57
CA SER F 50 29.34 -0.89 -14.86
C SER F 50 30.47 -1.44 -15.71
N THR F 51 30.42 -1.15 -17.02
CA THR F 51 31.40 -1.64 -17.97
C THR F 51 32.77 -1.02 -17.72
N SER F 52 32.80 0.19 -17.16
CA SER F 52 34.08 0.81 -16.84
C SER F 52 34.79 0.02 -15.75
N GLU F 53 34.04 -0.56 -14.81
CA GLU F 53 34.64 -1.39 -13.78
C GLU F 53 35.26 -2.65 -14.40
N VAL F 54 34.62 -3.21 -15.42
CA VAL F 54 35.12 -4.41 -16.10
C VAL F 54 36.52 -4.16 -16.68
N ILE F 55 36.67 -2.99 -17.30
CA ILE F 55 37.91 -2.64 -17.98
C ILE F 55 38.90 -2.03 -17.00
N GLY F 56 38.42 -1.34 -15.97
CA GLY F 56 39.20 -0.34 -15.23
C GLY F 56 38.42 0.95 -14.88
N SER F 64 33.45 1.10 -24.04
CA SER F 64 32.42 0.70 -23.06
C SER F 64 31.24 0.03 -23.77
N MET F 65 30.90 0.51 -24.97
CA MET F 65 29.82 -0.12 -25.76
C MET F 65 30.21 -1.50 -26.28
N GLU F 66 31.51 -1.72 -26.56
CA GLU F 66 32.01 -3.04 -26.94
C GLU F 66 31.85 -4.06 -25.79
N VAL F 67 32.19 -3.63 -24.56
CA VAL F 67 31.99 -4.48 -23.41
C VAL F 67 30.49 -4.79 -23.22
N ALA F 68 29.66 -3.75 -23.35
CA ALA F 68 28.21 -3.92 -23.23
C ALA F 68 27.70 -4.97 -24.21
N GLU F 69 28.17 -4.87 -25.46
CA GLU F 69 27.81 -5.82 -26.51
C GLU F 69 28.11 -7.27 -26.14
N THR F 70 29.33 -7.50 -25.64
CA THR F 70 29.77 -8.83 -25.29
C THR F 70 28.89 -9.40 -24.16
N ILE F 71 28.60 -8.58 -23.15
CA ILE F 71 27.77 -8.98 -22.02
C ILE F 71 26.35 -9.29 -22.48
N PHE F 72 25.76 -8.36 -23.25
CA PHE F 72 24.41 -8.53 -23.74
C PHE F 72 24.28 -9.82 -24.55
N ASN F 73 25.23 -10.08 -25.43
CA ASN F 73 25.20 -11.24 -26.31
C ASN F 73 25.35 -12.56 -25.55
N ALA F 74 26.23 -12.58 -24.54
CA ALA F 74 26.40 -13.76 -23.68
C ALA F 74 25.11 -14.08 -22.90
N LEU F 75 24.47 -13.03 -22.38
CA LEU F 75 23.23 -13.17 -21.62
C LEU F 75 22.13 -13.69 -22.53
N ASP F 76 22.11 -13.20 -23.78
CA ASP F 76 21.11 -13.64 -24.72
C ASP F 76 21.18 -15.15 -25.03
N VAL F 77 22.40 -15.69 -25.12
CA VAL F 77 22.59 -17.13 -25.31
C VAL F 77 21.95 -17.90 -24.14
N VAL F 78 22.18 -17.42 -22.92
CA VAL F 78 21.64 -18.05 -21.71
C VAL F 78 20.11 -18.02 -21.74
N SER F 79 19.59 -16.88 -22.18
CA SER F 79 18.16 -16.67 -22.27
C SER F 79 17.50 -17.74 -23.17
N LYS F 80 18.11 -18.00 -24.33
CA LYS F 80 17.59 -18.97 -25.28
C LYS F 80 17.72 -20.40 -24.80
N GLU F 81 18.76 -20.68 -24.00
CA GLU F 81 19.02 -22.01 -23.45
C GLU F 81 18.14 -22.35 -22.25
N THR F 82 17.85 -21.35 -21.42
CA THR F 82 17.16 -21.56 -20.14
C THR F 82 15.74 -21.03 -20.04
N GLY F 83 15.37 -20.11 -20.95
CA GLY F 83 14.09 -19.44 -20.93
C GLY F 83 13.94 -18.36 -19.88
N VAL F 84 15.05 -17.97 -19.24
CA VAL F 84 15.08 -16.83 -18.34
C VAL F 84 15.13 -15.59 -19.24
N THR F 85 14.64 -14.45 -18.74
CA THR F 85 14.76 -13.18 -19.45
C THR F 85 15.49 -12.23 -18.54
N PHE F 86 16.11 -11.22 -19.15
CA PHE F 86 16.95 -10.28 -18.44
C PHE F 86 16.35 -8.89 -18.44
N ALA F 87 16.56 -8.19 -17.32
CA ALA F 87 16.19 -6.81 -17.11
C ALA F 87 17.45 -6.07 -16.81
N PHE F 88 17.59 -4.84 -17.33
CA PHE F 88 18.82 -4.08 -17.23
C PHE F 88 18.65 -2.81 -16.44
N GLN F 89 19.29 -2.74 -15.28
CA GLN F 89 19.24 -1.55 -14.46
C GLN F 89 20.02 -0.39 -15.06
N GLY F 90 19.42 0.80 -15.09
CA GLY F 90 20.11 2.00 -15.56
C GLY F 90 20.82 2.62 -14.36
N CYS F 91 21.72 3.55 -14.61
CA CYS F 91 22.44 4.22 -13.55
C CYS F 91 21.56 5.21 -12.77
N GLU F 92 22.14 5.81 -11.73
CA GLU F 92 21.42 6.69 -10.82
C GLU F 92 20.92 7.98 -11.51
N HIS F 93 21.54 8.38 -12.63
CA HIS F 93 21.09 9.60 -13.35
C HIS F 93 19.66 9.38 -13.87
N ILE F 94 19.31 8.13 -14.20
CA ILE F 94 17.91 7.81 -14.62
C ILE F 94 17.19 7.09 -13.45
N ASN F 95 17.59 7.38 -12.21
CA ASN F 95 16.88 6.84 -11.02
C ASN F 95 16.84 5.30 -11.00
N ARG F 96 17.91 4.65 -11.48
CA ARG F 96 17.97 3.18 -11.57
C ARG F 96 16.73 2.61 -12.26
N ALA F 97 16.14 3.34 -13.21
CA ALA F 97 15.03 2.79 -13.95
C ALA F 97 15.51 1.58 -14.75
N ILE F 98 14.60 0.64 -15.02
CA ILE F 98 14.94 -0.68 -15.52
C ILE F 98 14.41 -0.89 -16.92
N THR F 99 15.30 -1.32 -17.82
CA THR F 99 14.95 -1.66 -19.19
C THR F 99 14.61 -3.13 -19.33
N ILE F 100 13.43 -3.41 -19.88
CA ILE F 100 12.93 -4.77 -20.15
C ILE F 100 12.23 -4.86 -21.47
N GLU F 101 12.07 -6.09 -21.99
CA GLU F 101 11.23 -6.32 -23.15
C GLU F 101 9.76 -6.10 -22.75
N LYS F 102 8.99 -5.48 -23.65
CA LYS F 102 7.59 -5.20 -23.37
C LYS F 102 6.80 -6.48 -23.06
N SER F 103 7.14 -7.60 -23.72
CA SER F 103 6.53 -8.88 -23.41
C SER F 103 6.63 -9.28 -21.92
N GLN F 104 7.58 -8.70 -21.18
CA GLN F 104 7.74 -8.92 -19.74
C GLN F 104 7.14 -7.83 -18.83
N TYR F 105 6.61 -6.78 -19.44
CA TYR F 105 5.92 -5.68 -18.73
C TYR F 105 4.63 -6.22 -18.11
N ASN F 106 4.44 -6.02 -16.81
CA ASN F 106 3.20 -6.34 -16.13
C ASN F 106 2.69 -5.04 -15.52
N PRO F 107 1.64 -4.42 -16.11
CA PRO F 107 1.13 -3.15 -15.62
C PRO F 107 0.64 -3.20 -14.17
N LEU F 108 0.29 -4.40 -13.69
CA LEU F 108 -0.19 -4.58 -12.33
C LEU F 108 0.91 -4.37 -11.32
N THR F 109 2.15 -4.67 -11.69
CA THR F 109 3.25 -4.61 -10.76
C THR F 109 4.33 -3.62 -11.16
N MET F 110 4.22 -3.03 -12.34
CA MET F 110 5.30 -2.18 -12.87
C MET F 110 4.66 -0.91 -13.45
N GLU F 111 5.47 0.16 -13.55
CA GLU F 111 5.03 1.43 -14.05
C GLU F 111 6.00 1.92 -15.11
N GLU F 112 5.51 2.01 -16.35
CA GLU F 112 6.29 2.53 -17.45
C GLU F 112 6.69 3.99 -17.18
N VAL F 113 7.95 4.33 -17.50
CA VAL F 113 8.44 5.69 -17.45
C VAL F 113 9.06 6.03 -18.81
N SER F 114 9.12 7.33 -19.12
CA SER F 114 9.69 7.80 -20.34
C SER F 114 11.09 8.28 -20.12
N VAL F 115 12.02 7.55 -20.73
CA VAL F 115 13.45 7.93 -20.84
C VAL F 115 14.04 6.93 -21.80
N VAL F 116 15.10 7.33 -22.50
CA VAL F 116 15.83 6.46 -23.40
C VAL F 116 17.26 6.40 -22.87
N PRO F 117 17.68 5.23 -22.35
CA PRO F 117 19.01 5.09 -21.77
C PRO F 117 20.08 5.53 -22.77
N ASP F 118 21.05 6.31 -22.29
CA ASP F 118 22.19 6.82 -23.06
C ASP F 118 23.47 6.44 -22.29
N VAL F 119 24.61 6.39 -22.99
CA VAL F 119 25.85 6.02 -22.32
C VAL F 119 26.15 6.88 -21.10
N HIS F 120 25.91 8.19 -21.21
CA HIS F 120 26.14 9.12 -20.10
C HIS F 120 24.91 9.39 -19.23
N ALA F 121 23.85 8.62 -19.42
CA ALA F 121 22.59 8.77 -18.64
C ALA F 121 21.82 7.50 -18.80
N GLY F 122 22.28 6.48 -18.07
CA GLY F 122 21.77 5.13 -18.17
C GLY F 122 22.88 4.10 -18.07
N GLY F 123 24.00 4.38 -18.73
CA GLY F 123 25.14 3.48 -18.76
C GLY F 123 25.13 2.62 -20.00
N SER F 124 26.30 2.07 -20.33
CA SER F 124 26.49 1.40 -21.59
C SER F 124 25.63 0.18 -21.79
N LEU F 125 25.48 -0.66 -20.75
CA LEU F 125 24.76 -1.89 -20.96
C LEU F 125 23.26 -1.64 -21.15
N ALA F 126 22.68 -0.76 -20.33
CA ALA F 126 21.26 -0.44 -20.46
C ALA F 126 21.01 0.21 -21.83
N THR F 127 21.95 1.03 -22.27
CA THR F 127 21.87 1.70 -23.57
C THR F 127 21.86 0.68 -24.67
N TYR F 128 22.83 -0.25 -24.61
CA TYR F 128 22.97 -1.30 -25.64
C TYR F 128 21.72 -2.18 -25.65
N ALA F 129 21.26 -2.59 -24.47
CA ALA F 129 20.07 -3.42 -24.33
C ALA F 129 18.86 -2.77 -24.95
N PHE F 130 18.63 -1.49 -24.61
CA PHE F 130 17.51 -0.74 -25.17
C PHE F 130 17.55 -0.76 -26.69
N GLN F 131 18.73 -0.52 -27.28
CA GLN F 131 18.86 -0.43 -28.72
C GLN F 131 18.70 -1.76 -29.44
N HIS F 132 18.94 -2.88 -28.73
CA HIS F 132 18.93 -4.20 -29.37
C HIS F 132 17.79 -5.13 -28.99
N MET F 133 16.91 -4.65 -28.10
CA MET F 133 15.67 -5.36 -27.80
C MET F 133 14.68 -5.21 -28.94
N LYS F 134 13.77 -6.18 -29.06
CA LYS F 134 12.70 -6.15 -30.04
C LYS F 134 11.75 -4.98 -29.75
N ASP F 135 11.32 -4.87 -28.49
CA ASP F 135 10.34 -3.87 -28.09
C ASP F 135 10.59 -3.42 -26.66
N PRO F 136 11.60 -2.55 -26.43
CA PRO F 136 12.00 -2.20 -25.07
C PRO F 136 11.03 -1.24 -24.38
N ILE F 137 10.89 -1.38 -23.06
CA ILE F 137 10.17 -0.43 -22.21
C ILE F 137 11.04 -0.20 -21.00
N VAL F 138 10.92 0.98 -20.38
CA VAL F 138 11.61 1.29 -19.16
C VAL F 138 10.58 1.42 -18.05
N VAL F 139 10.85 0.75 -16.91
CA VAL F 139 9.97 0.82 -15.75
C VAL F 139 10.68 1.44 -14.56
N GLU F 140 9.91 2.08 -13.67
CA GLU F 140 10.48 2.85 -12.57
C GLU F 140 11.11 1.94 -11.49
N HIS F 141 10.46 0.79 -11.28
CA HIS F 141 10.82 -0.15 -10.23
C HIS F 141 10.54 -1.55 -10.73
N ILE F 142 11.20 -2.55 -10.12
CA ILE F 142 10.86 -3.92 -10.47
C ILE F 142 11.24 -4.79 -9.26
N THR F 143 10.57 -5.91 -9.18
CA THR F 143 10.92 -6.98 -8.20
C THR F 143 11.10 -8.25 -8.99
N VAL F 144 12.28 -8.84 -8.86
CA VAL F 144 12.62 -10.06 -9.56
C VAL F 144 13.26 -11.07 -8.58
N PRO F 145 13.24 -12.36 -8.92
CA PRO F 145 13.73 -13.39 -8.01
C PRO F 145 15.26 -13.50 -7.94
N CYS F 146 15.98 -12.95 -8.91
CA CYS F 146 17.43 -13.08 -8.92
C CYS F 146 18.09 -12.01 -9.76
N GLY F 147 19.40 -11.86 -9.57
CA GLY F 147 20.14 -10.82 -10.26
C GLY F 147 21.63 -11.00 -10.15
N ILE F 148 22.32 -10.24 -11.01
CA ILE F 148 23.79 -10.28 -11.13
C ILE F 148 24.25 -8.82 -11.16
N ASP F 149 25.16 -8.47 -10.25
CA ASP F 149 25.73 -7.14 -10.14
C ASP F 149 27.22 -7.23 -10.54
N ILE F 150 27.58 -6.54 -11.63
CA ILE F 150 28.97 -6.47 -12.11
C ILE F 150 29.45 -5.05 -11.84
N GLY F 151 30.34 -4.94 -10.85
CA GLY F 151 31.01 -3.69 -10.52
C GLY F 151 30.34 -2.87 -9.42
N GLN F 152 29.64 -3.54 -8.52
CA GLN F 152 29.16 -2.93 -7.27
C GLN F 152 28.22 -1.73 -7.50
N THR F 153 27.33 -1.86 -8.49
CA THR F 153 26.32 -0.83 -8.77
C THR F 153 25.19 -0.89 -7.74
N LEU F 154 25.07 -2.05 -7.07
CA LEU F 154 24.02 -2.43 -6.12
C LEU F 154 22.71 -2.81 -6.82
N ILE F 155 22.14 -3.95 -6.45
CA ILE F 155 20.91 -4.43 -7.08
C ILE F 155 19.86 -4.95 -6.09
N GLY F 156 20.18 -4.89 -4.78
CA GLY F 156 19.35 -5.51 -3.75
C GLY F 156 17.95 -4.91 -3.63
N MET F 157 17.80 -3.65 -4.02
CA MET F 157 16.50 -2.97 -4.07
C MET F 157 15.53 -3.64 -5.02
N HIS F 158 16.04 -4.43 -5.96
CA HIS F 158 15.21 -5.09 -6.97
C HIS F 158 14.88 -6.55 -6.73
N ILE F 159 15.50 -7.16 -5.70
CA ILE F 159 15.41 -8.57 -5.49
C ILE F 159 14.22 -8.83 -4.50
N LYS F 160 13.40 -9.81 -4.86
CA LYS F 160 12.29 -10.28 -4.01
C LYS F 160 12.84 -10.61 -2.59
N HIS F 161 12.14 -10.09 -1.56
CA HIS F 161 12.47 -10.44 -0.18
C HIS F 161 12.15 -11.93 0.01
N VAL F 162 13.08 -12.72 0.56
CA VAL F 162 14.34 -12.36 1.18
C VAL F 162 15.48 -12.59 0.18
N CYS F 163 16.32 -11.59 0.05
CA CYS F 163 17.45 -11.61 -0.91
C CYS F 163 18.58 -12.41 -0.27
N VAL F 164 19.10 -13.40 -1.02
CA VAL F 164 20.17 -14.30 -0.52
C VAL F 164 21.34 -14.24 -1.51
N PRO F 165 22.53 -13.79 -1.07
CA PRO F 165 23.73 -13.84 -1.92
C PRO F 165 24.08 -15.27 -2.33
N VAL F 166 24.60 -15.46 -3.53
CA VAL F 166 25.00 -16.75 -4.04
C VAL F 166 26.51 -16.71 -4.22
N ARG F 167 27.21 -17.64 -3.57
CA ARG F 167 28.68 -17.79 -3.65
C ARG F 167 29.03 -18.45 -4.99
N THR F 168 29.99 -17.89 -5.72
CA THR F 168 30.47 -18.49 -6.96
C THR F 168 31.98 -18.56 -6.88
N SER F 169 32.57 -19.49 -7.63
CA SER F 169 34.01 -19.60 -7.71
C SER F 169 34.59 -18.46 -8.56
N VAL F 170 33.81 -17.97 -9.54
CA VAL F 170 34.16 -16.75 -10.31
C VAL F 170 33.79 -15.49 -9.52
N LYS F 171 34.81 -14.72 -9.12
CA LYS F 171 34.64 -13.57 -8.23
C LYS F 171 34.66 -12.22 -8.97
N GLN F 172 35.15 -12.23 -10.21
CA GLN F 172 35.30 -11.01 -10.99
C GLN F 172 34.96 -11.25 -12.45
N VAL F 173 34.52 -10.18 -13.11
CA VAL F 173 34.41 -10.15 -14.55
C VAL F 173 35.33 -9.04 -14.99
N GLY F 174 36.44 -9.40 -15.64
CA GLY F 174 37.54 -8.50 -15.84
C GLY F 174 38.02 -8.02 -14.48
N GLN F 175 38.04 -6.68 -14.31
CA GLN F 175 38.43 -6.05 -13.05
C GLN F 175 37.26 -5.71 -12.11
N ALA F 176 36.04 -6.09 -12.51
CA ALA F 176 34.83 -5.75 -11.75
C ALA F 176 34.45 -6.86 -10.79
N ILE F 177 34.23 -6.48 -9.53
CA ILE F 177 33.73 -7.42 -8.52
C ILE F 177 32.32 -7.82 -8.93
N VAL F 178 32.01 -9.11 -8.87
N VAL F 178 32.04 -9.12 -8.83
CA VAL F 178 30.68 -9.58 -9.22
CA VAL F 178 30.73 -9.71 -9.14
C VAL F 178 29.96 -10.12 -7.96
C VAL F 178 29.99 -10.01 -7.84
N THR F 179 28.67 -9.75 -7.82
CA THR F 179 27.78 -10.21 -6.75
C THR F 179 26.58 -10.87 -7.40
N ILE F 180 26.14 -12.02 -6.87
CA ILE F 180 25.02 -12.76 -7.38
C ILE F 180 23.98 -12.88 -6.27
N ALA F 181 22.71 -12.62 -6.59
CA ALA F 181 21.61 -12.73 -5.62
C ALA F 181 20.51 -13.62 -6.15
N THR F 182 19.97 -14.44 -5.24
CA THR F 182 18.75 -15.15 -5.48
C THR F 182 17.80 -14.72 -4.36
N SER F 183 16.67 -15.42 -4.26
CA SER F 183 15.66 -15.08 -3.27
C SER F 183 15.01 -16.33 -2.75
N ARG F 184 14.42 -16.21 -1.57
CA ARG F 184 13.63 -17.29 -0.92
C ARG F 184 12.60 -16.68 0.02
N PRO F 185 11.54 -17.43 0.37
CA PRO F 185 10.52 -16.90 1.28
C PRO F 185 11.04 -16.55 2.68
N LYS F 186 10.39 -15.60 3.34
CA LYS F 186 10.64 -15.36 4.76
C LYS F 186 10.36 -16.64 5.55
N LYS F 187 11.25 -16.96 6.51
CA LYS F 187 10.98 -18.00 7.48
C LYS F 187 10.24 -17.41 8.66
N ILE F 188 9.12 -18.05 9.04
CA ILE F 188 8.31 -17.51 10.11
C ILE F 188 8.02 -18.58 11.16
N GLY F 189 7.62 -18.11 12.35
CA GLY F 189 7.21 -18.97 13.43
C GLY F 189 8.16 -18.87 14.59
N GLY F 190 7.66 -19.27 15.78
CA GLY F 190 8.42 -19.27 17.01
C GLY F 190 9.35 -20.47 17.18
N GLU F 191 9.82 -20.63 18.42
CA GLU F 191 10.79 -21.67 18.74
C GLU F 191 10.33 -23.11 18.49
N ARG F 192 9.01 -23.35 18.45
CA ARG F 192 8.45 -24.72 18.26
C ARG F 192 8.20 -25.00 16.77
N ALA F 193 8.31 -23.99 15.91
CA ALA F 193 8.03 -24.17 14.50
C ALA F 193 8.98 -25.15 13.81
N LYS F 194 8.46 -25.86 12.81
CA LYS F 194 9.18 -26.85 12.02
C LYS F 194 9.32 -26.33 10.59
N TYR F 195 10.40 -26.74 9.91
CA TYR F 195 10.74 -26.24 8.54
C TYR F 195 10.91 -27.39 7.54
N GLN F 196 10.74 -28.64 7.98
CA GLN F 196 10.49 -29.79 7.09
C GLN F 196 9.30 -30.61 7.59
#